data_2WVM
#
_entry.id   2WVM
#
_cell.length_a   112.766
_cell.length_b   112.766
_cell.length_c   199.690
_cell.angle_alpha   90.00
_cell.angle_beta   90.00
_cell.angle_gamma   90.00
#
_symmetry.space_group_name_H-M   'P 41 21 2'
#
loop_
_entity.id
_entity.type
_entity.pdbx_description
1 polymer 'MANNOSYL-3-PHOSPHOGLYCERATE SYNTHASE'
2 non-polymer "GUANOSINE-5'-DIPHOSPHATE-ALPHA-D-MANNOSE"
3 non-polymer 'MAGNESIUM ION'
4 non-polymer 'ZINC ION'
5 water water
#
_entity_poly.entity_id   1
_entity_poly.type   'polypeptide(L)'
_entity_poly.pdbx_seq_one_letter_code
;MRLEIPNHTERFGVVRLHEVQRILELDSGRVRDESPAVGLRRLDDADLRDVLEQTAIVVPTRNERLKLLEGVLSGIPHEA
LILVASNSSPDRFQMERDLLEEFAHLTERPALIFHQKDPALAEALRAGGYPHPIGEDGLVRSGKAEGMILALVFAALSGR
RYVGFIDADNYFPGAVWEYVRAYAAGFLMAKTPFAMVRILWRYKPKLTEDEGVVFRRYGRVSERNNRALNQLIGGVSGFE
TDVVKTANAGEHAMSLGLALRLPLASGYAVEPQELVSLLELYGGVFPLEDEEVLQHGVEIFQIETRNPALHENKGDEHIR
DMLLACLATVYHSKLATEEVRQSVLEELQAAGALAPGEEPPPPVLYPPLSSLDLQAVRKALRGHFSRFRVP
;
_entity_poly.pdbx_strand_id   A,B
#
loop_
_chem_comp.id
_chem_comp.type
_chem_comp.name
_chem_comp.formula
GDD non-polymer GUANOSINE-5'-DIPHOSPHATE-ALPHA-D-MANNOSE 'C16 H25 N5 O16 P2'
MG non-polymer 'MAGNESIUM ION' 'Mg 2'
ZN non-polymer 'ZINC ION' 'Zn 2'
#
# COMPACT_ATOMS: atom_id res chain seq x y z
N MET A 1 -11.87 2.30 4.53
CA MET A 1 -10.96 3.28 5.06
C MET A 1 -11.71 4.02 6.16
N ARG A 2 -11.15 4.00 7.38
CA ARG A 2 -11.67 4.79 8.52
C ARG A 2 -10.82 6.02 8.71
N LEU A 3 -11.44 7.18 8.91
CA LEU A 3 -10.68 8.38 9.34
C LEU A 3 -11.20 9.06 10.58
N GLU A 4 -10.31 9.69 11.35
CA GLU A 4 -10.68 10.74 12.34
C GLU A 4 -11.63 11.77 11.78
N ILE A 5 -12.53 12.26 12.60
CA ILE A 5 -13.39 13.30 12.12
C ILE A 5 -12.64 14.56 12.54
N PRO A 6 -12.74 15.66 11.80
CA PRO A 6 -11.90 16.76 12.25
C PRO A 6 -12.45 17.49 13.45
N ASN A 7 -11.59 17.76 14.42
CA ASN A 7 -12.02 18.39 15.62
C ASN A 7 -12.55 19.79 15.38
N HIS A 8 -11.75 20.62 14.71
CA HIS A 8 -12.04 22.01 14.38
C HIS A 8 -12.00 22.22 12.91
N THR A 9 -12.68 23.24 12.42
CA THR A 9 -12.70 23.55 11.01
C THR A 9 -12.65 25.03 10.91
N GLU A 10 -11.90 25.54 9.97
CA GLU A 10 -11.71 26.94 9.85
C GLU A 10 -12.73 27.55 8.87
N ARG A 11 -13.69 28.32 9.38
CA ARG A 11 -14.64 28.96 8.50
C ARG A 11 -14.01 30.26 8.07
N PHE A 12 -14.13 30.55 6.79
CA PHE A 12 -13.48 31.69 6.21
C PHE A 12 -14.29 31.99 4.98
N GLY A 13 -15.21 32.93 5.09
CA GLY A 13 -16.27 33.14 4.09
C GLY A 13 -17.08 31.88 3.93
N VAL A 14 -17.32 31.45 2.70
CA VAL A 14 -17.96 30.16 2.48
C VAL A 14 -16.92 29.07 2.35
N VAL A 15 -15.66 29.36 2.64
CA VAL A 15 -14.64 28.30 2.66
C VAL A 15 -14.60 27.63 4.02
N ARG A 16 -14.60 26.31 4.01
CA ARG A 16 -14.43 25.49 5.22
C ARG A 16 -13.14 24.64 5.11
N LEU A 17 -12.12 25.01 5.90
CA LEU A 17 -10.83 24.32 5.94
C LEU A 17 -10.73 23.37 7.13
N HIS A 18 -10.81 22.06 6.91
CA HIS A 18 -10.79 21.11 8.03
C HIS A 18 -9.40 20.84 8.53
N GLU A 19 -9.21 20.70 9.84
CA GLU A 19 -7.88 20.33 10.29
C GLU A 19 -7.53 18.88 9.89
N VAL A 20 -6.28 18.47 10.12
CA VAL A 20 -5.73 17.24 9.54
C VAL A 20 -6.50 16.08 10.08
N GLN A 21 -6.88 15.15 9.23
CA GLN A 21 -7.50 13.93 9.67
C GLN A 21 -6.59 12.74 9.41
N ARG A 22 -6.33 11.91 10.42
CA ARG A 22 -5.46 10.76 10.20
C ARG A 22 -6.27 9.65 9.58
N ILE A 23 -5.71 8.89 8.65
CA ILE A 23 -6.31 7.57 8.32
C ILE A 23 -6.00 6.54 9.44
N LEU A 24 -7.03 5.87 9.98
CA LEU A 24 -6.79 4.90 11.05
C LEU A 24 -6.67 3.47 10.54
N GLU A 25 -7.33 3.17 9.44
CA GLU A 25 -7.45 1.82 8.96
C GLU A 25 -7.52 2.02 7.47
N LEU A 26 -6.67 1.31 6.78
CA LEU A 26 -6.50 1.51 5.37
C LEU A 26 -7.69 1.04 4.62
N ASP A 27 -8.19 -0.13 5.02
CA ASP A 27 -9.29 -0.81 4.35
C ASP A 27 -10.34 -1.29 5.35
N SER A 28 -11.43 -0.55 5.52
CA SER A 28 -12.40 -0.90 6.57
C SER A 28 -13.60 -1.71 6.09
N GLY A 29 -13.45 -2.32 4.92
CA GLY A 29 -14.37 -3.33 4.42
C GLY A 29 -15.70 -2.84 3.87
N ARG A 30 -16.71 -3.71 3.91
CA ARG A 30 -18.02 -3.44 3.36
C ARG A 30 -18.96 -3.34 4.52
N VAL A 31 -19.63 -2.21 4.69
CA VAL A 31 -20.35 -1.94 5.96
C VAL A 31 -21.22 -3.08 6.53
N ARG A 32 -22.30 -3.39 5.81
CA ARG A 32 -23.40 -4.17 6.41
C ARG A 32 -24.01 -3.40 7.62
N ASP A 33 -23.93 -3.88 8.86
CA ASP A 33 -24.52 -3.10 9.97
C ASP A 33 -23.71 -1.87 10.44
N GLU A 34 -24.20 -0.66 10.12
CA GLU A 34 -23.35 0.57 10.18
C GLU A 34 -22.61 0.91 11.49
N SER A 35 -23.33 0.95 12.63
CA SER A 35 -22.84 1.48 13.94
C SER A 35 -22.16 2.88 14.01
N PRO A 36 -22.80 3.80 14.76
CA PRO A 36 -22.49 5.23 14.66
C PRO A 36 -21.47 5.70 15.68
N ALA A 37 -20.35 6.15 15.18
CA ALA A 37 -19.33 6.71 16.01
C ALA A 37 -19.35 8.13 15.55
N VAL A 38 -19.41 9.06 16.50
CA VAL A 38 -19.34 10.50 16.17
C VAL A 38 -17.89 10.88 15.89
N GLY A 39 -16.95 10.15 16.49
CA GLY A 39 -15.55 10.50 16.50
C GLY A 39 -14.80 10.20 15.23
N LEU A 40 -15.27 9.22 14.46
CA LEU A 40 -14.67 8.91 13.18
C LEU A 40 -15.71 8.44 12.16
N ARG A 41 -15.30 8.42 10.88
CA ARG A 41 -16.13 7.94 9.78
C ARG A 41 -15.55 6.78 8.99
N ARG A 42 -16.36 5.73 8.86
CA ARG A 42 -16.00 4.51 8.13
C ARG A 42 -16.58 4.61 6.71
N LEU A 43 -15.75 4.57 5.67
CA LEU A 43 -16.23 4.74 4.30
C LEU A 43 -16.39 3.42 3.56
N ASP A 44 -17.58 3.18 3.00
CA ASP A 44 -17.87 1.91 2.38
C ASP A 44 -17.08 1.67 1.10
N ASP A 45 -16.63 0.43 0.90
CA ASP A 45 -15.79 0.15 -0.23
C ASP A 45 -16.51 0.50 -1.50
N ALA A 46 -17.69 -0.08 -1.67
CA ALA A 46 -18.51 0.21 -2.82
C ALA A 46 -18.59 1.71 -3.06
N ASP A 47 -18.93 2.47 -2.01
CA ASP A 47 -18.96 3.92 -2.12
C ASP A 47 -17.68 4.48 -2.67
N LEU A 48 -16.52 4.05 -2.19
CA LEU A 48 -15.27 4.59 -2.71
C LEU A 48 -15.08 4.24 -4.17
N ARG A 49 -15.27 2.97 -4.50
CA ARG A 49 -15.18 2.54 -5.88
C ARG A 49 -16.06 3.41 -6.80
N ASP A 50 -17.34 3.54 -6.49
CA ASP A 50 -18.21 4.40 -7.27
C ASP A 50 -17.69 5.81 -7.44
N VAL A 51 -16.98 6.34 -6.46
CA VAL A 51 -16.45 7.69 -6.56
C VAL A 51 -15.36 7.64 -7.61
N LEU A 52 -14.52 6.61 -7.53
CA LEU A 52 -13.35 6.53 -8.40
C LEU A 52 -13.75 6.26 -9.85
N GLU A 53 -14.93 5.66 -10.04
CA GLU A 53 -15.46 5.43 -11.37
C GLU A 53 -15.76 6.73 -12.02
N GLN A 54 -15.85 7.80 -11.22
CA GLN A 54 -15.97 9.18 -11.71
C GLN A 54 -14.69 10.02 -11.52
N THR A 55 -13.55 9.40 -11.23
CA THR A 55 -12.33 10.16 -10.99
C THR A 55 -11.30 9.96 -12.11
N ALA A 56 -10.65 11.03 -12.56
CA ALA A 56 -9.45 10.93 -13.40
C ALA A 56 -8.21 11.04 -12.51
N ILE A 57 -7.19 10.23 -12.78
CA ILE A 57 -5.93 10.39 -12.03
C ILE A 57 -4.78 10.76 -12.95
N VAL A 58 -4.20 11.92 -12.69
CA VAL A 58 -3.13 12.50 -13.50
C VAL A 58 -1.73 12.14 -12.98
N VAL A 59 -0.94 11.49 -13.80
CA VAL A 59 0.42 11.19 -13.41
C VAL A 59 1.30 12.09 -14.26
N PRO A 60 1.78 13.22 -13.70
CA PRO A 60 2.71 14.06 -14.45
C PRO A 60 4.11 13.47 -14.54
N THR A 61 4.71 13.51 -15.73
CA THR A 61 6.07 12.95 -15.92
C THR A 61 7.00 13.70 -16.87
N ARG A 62 8.25 13.87 -16.46
CA ARG A 62 9.31 14.42 -17.32
C ARG A 62 10.56 13.60 -17.03
N ASN A 63 10.94 12.75 -17.98
CA ASN A 63 12.12 11.87 -17.90
C ASN A 63 12.29 11.07 -16.60
N GLU A 64 11.20 10.47 -16.11
CA GLU A 64 11.18 9.62 -14.90
C GLU A 64 11.58 8.19 -15.31
N ARG A 65 12.22 7.41 -14.44
CA ARG A 65 12.63 6.03 -14.84
C ARG A 65 11.37 5.24 -15.17
N LEU A 66 11.46 4.39 -16.17
CA LEU A 66 10.28 3.65 -16.61
C LEU A 66 9.77 2.67 -15.57
N LYS A 67 10.67 1.98 -14.87
CA LYS A 67 10.25 1.09 -13.78
C LYS A 67 9.33 1.79 -12.75
N LEU A 68 9.71 2.98 -12.32
CA LEU A 68 8.95 3.75 -11.32
C LEU A 68 7.59 4.09 -11.80
N LEU A 69 7.54 4.66 -13.01
CA LEU A 69 6.28 5.02 -13.63
C LEU A 69 5.33 3.83 -13.80
N GLU A 70 5.81 2.69 -14.26
CA GLU A 70 4.93 1.54 -14.25
C GLU A 70 4.55 1.11 -12.81
N GLY A 71 5.46 1.22 -11.84
CA GLY A 71 5.16 0.96 -10.45
C GLY A 71 3.94 1.80 -10.07
N VAL A 72 4.00 3.09 -10.38
CA VAL A 72 2.92 3.98 -9.99
C VAL A 72 1.58 3.54 -10.60
N LEU A 73 1.60 3.11 -11.86
CA LEU A 73 0.37 2.78 -12.59
C LEU A 73 -0.31 1.65 -11.92
N SER A 74 0.44 0.59 -11.66
CA SER A 74 -0.06 -0.57 -10.97
C SER A 74 -0.69 -0.25 -9.59
N GLY A 75 -0.40 0.90 -9.01
CA GLY A 75 -1.00 1.24 -7.75
C GLY A 75 -2.34 1.92 -7.89
N ILE A 76 -2.66 2.45 -9.06
CA ILE A 76 -3.91 3.19 -9.21
C ILE A 76 -5.11 2.24 -9.22
N PRO A 77 -6.12 2.49 -8.33
CA PRO A 77 -7.30 1.62 -8.29
C PRO A 77 -7.93 1.49 -9.65
N HIS A 78 -8.30 0.28 -9.99
CA HIS A 78 -8.90 -0.01 -11.28
C HIS A 78 -9.99 1.00 -11.77
N GLU A 79 -10.91 1.44 -10.91
CA GLU A 79 -12.01 2.33 -11.36
C GLU A 79 -11.55 3.65 -12.02
N ALA A 80 -10.34 4.12 -11.71
CA ALA A 80 -9.97 5.48 -12.11
C ALA A 80 -9.41 5.58 -13.49
N LEU A 81 -9.65 6.71 -14.14
CA LEU A 81 -9.12 6.93 -15.47
C LEU A 81 -7.68 7.44 -15.39
N ILE A 82 -6.76 6.82 -16.10
CA ILE A 82 -5.39 7.28 -16.01
C ILE A 82 -5.05 8.25 -17.11
N LEU A 83 -4.65 9.46 -16.73
CA LEU A 83 -4.02 10.40 -17.69
C LEU A 83 -2.52 10.59 -17.39
N VAL A 84 -1.66 10.24 -18.35
CA VAL A 84 -0.22 10.46 -18.20
C VAL A 84 0.10 11.74 -18.94
N ALA A 85 0.37 12.79 -18.17
CA ALA A 85 0.77 14.07 -18.72
C ALA A 85 2.28 14.06 -18.84
N SER A 86 2.78 13.97 -20.07
CA SER A 86 4.21 13.80 -20.27
C SER A 86 4.90 15.02 -20.84
N ASN A 87 6.16 15.21 -20.43
CA ASN A 87 7.00 16.24 -20.99
C ASN A 87 8.43 15.76 -21.13
N SER A 88 8.60 14.51 -21.53
CA SER A 88 9.94 13.91 -21.59
C SER A 88 10.57 14.14 -22.95
N SER A 89 11.83 13.75 -23.12
CA SER A 89 12.47 13.80 -24.43
C SER A 89 11.71 12.86 -25.36
N PRO A 90 11.65 13.20 -26.66
CA PRO A 90 10.80 12.45 -27.61
C PRO A 90 11.03 10.96 -27.51
N ASP A 91 12.31 10.55 -27.53
CA ASP A 91 12.70 9.17 -27.30
C ASP A 91 12.01 8.61 -26.08
N ARG A 92 12.24 9.24 -24.94
CA ARG A 92 11.67 8.76 -23.71
C ARG A 92 10.17 8.62 -23.85
N PHE A 93 9.54 9.65 -24.41
CA PHE A 93 8.09 9.69 -24.48
C PHE A 93 7.51 8.50 -25.21
N GLN A 94 8.05 8.18 -26.38
CA GLN A 94 7.56 7.07 -27.19
C GLN A 94 7.63 5.78 -26.40
N MET A 95 8.65 5.67 -25.56
CA MET A 95 8.74 4.56 -24.61
C MET A 95 7.57 4.57 -23.61
N GLU A 96 7.19 5.76 -23.15
CA GLU A 96 6.09 5.92 -22.19
C GLU A 96 4.78 5.49 -22.79
N ARG A 97 4.50 5.91 -24.03
CA ARG A 97 3.31 5.48 -24.74
C ARG A 97 3.27 3.97 -24.77
N ASP A 98 4.35 3.36 -25.23
CA ASP A 98 4.49 1.89 -25.32
C ASP A 98 4.20 1.19 -23.98
N LEU A 99 4.67 1.78 -22.89
CA LEU A 99 4.54 1.22 -21.57
C LEU A 99 3.10 1.29 -21.11
N LEU A 100 2.48 2.46 -21.31
CA LEU A 100 1.08 2.67 -20.98
C LEU A 100 0.19 1.83 -21.89
N GLU A 101 0.48 1.81 -23.18
CA GLU A 101 -0.30 0.96 -24.09
C GLU A 101 -0.36 -0.49 -23.57
N GLU A 102 0.77 -1.03 -23.14
CA GLU A 102 0.76 -2.41 -22.68
C GLU A 102 0.04 -2.61 -21.35
N PHE A 103 0.30 -1.73 -20.39
CA PHE A 103 -0.36 -1.80 -19.11
C PHE A 103 -1.87 -1.79 -19.28
N ALA A 104 -2.38 -0.87 -20.10
CA ALA A 104 -3.80 -0.63 -20.19
C ALA A 104 -4.52 -1.73 -20.97
N HIS A 105 -3.81 -2.36 -21.90
CA HIS A 105 -4.32 -3.51 -22.61
C HIS A 105 -4.47 -4.64 -21.64
N LEU A 106 -3.39 -4.96 -20.93
CA LEU A 106 -3.29 -6.10 -20.04
C LEU A 106 -4.29 -6.06 -18.91
N THR A 107 -4.53 -4.86 -18.39
CA THR A 107 -5.42 -4.69 -17.27
C THR A 107 -6.74 -4.19 -17.78
N GLU A 108 -6.96 -4.32 -19.08
CA GLU A 108 -8.23 -3.96 -19.69
C GLU A 108 -8.82 -2.69 -19.10
N ARG A 109 -8.09 -1.57 -19.23
CA ARG A 109 -8.62 -0.29 -18.73
C ARG A 109 -8.17 0.86 -19.57
N PRO A 110 -9.03 1.85 -19.70
CA PRO A 110 -8.78 3.02 -20.55
C PRO A 110 -7.77 3.99 -19.98
N ALA A 111 -6.80 4.41 -20.78
CA ALA A 111 -5.91 5.45 -20.33
C ALA A 111 -5.67 6.45 -21.44
N LEU A 112 -5.07 7.57 -21.07
CA LEU A 112 -4.80 8.67 -21.98
C LEU A 112 -3.38 9.15 -21.77
N ILE A 113 -2.65 9.37 -22.84
CA ILE A 113 -1.32 9.90 -22.72
C ILE A 113 -1.14 10.99 -23.75
N PHE A 114 -0.45 12.05 -23.36
CA PHE A 114 -0.25 13.16 -24.26
C PHE A 114 1.00 13.85 -23.83
N HIS A 115 1.62 14.52 -24.79
CA HIS A 115 2.86 15.18 -24.53
C HIS A 115 2.69 16.68 -24.50
N GLN A 116 3.07 17.25 -23.37
CA GLN A 116 3.01 18.69 -23.12
C GLN A 116 3.30 19.56 -24.37
N LYS A 117 4.22 19.11 -25.23
CA LYS A 117 4.79 19.93 -26.32
C LYS A 117 4.13 19.70 -27.69
N ASP A 118 2.98 19.04 -27.69
CA ASP A 118 2.22 18.79 -28.91
C ASP A 118 1.73 20.09 -29.55
N PRO A 119 2.03 20.28 -30.84
CA PRO A 119 1.45 21.45 -31.51
C PRO A 119 -0.08 21.37 -31.55
N ALA A 120 -0.62 20.20 -31.81
CA ALA A 120 -2.07 20.05 -31.78
C ALA A 120 -2.73 20.57 -30.49
N LEU A 121 -2.05 20.45 -29.34
CA LEU A 121 -2.64 20.88 -28.07
C LEU A 121 -2.63 22.38 -27.92
N ALA A 122 -1.51 22.98 -28.33
CA ALA A 122 -1.39 24.41 -28.42
C ALA A 122 -2.46 24.97 -29.34
N GLU A 123 -2.58 24.36 -30.51
CA GLU A 123 -3.55 24.76 -31.51
C GLU A 123 -4.94 24.72 -30.90
N ALA A 124 -5.19 23.67 -30.12
CA ALA A 124 -6.49 23.47 -29.50
C ALA A 124 -6.79 24.56 -28.48
N LEU A 125 -5.86 24.82 -27.57
CA LEU A 125 -5.99 25.90 -26.60
C LEU A 125 -6.27 27.27 -27.22
N ARG A 126 -5.63 27.59 -28.33
CA ARG A 126 -5.90 28.84 -29.04
C ARG A 126 -7.32 28.90 -29.52
N ALA A 127 -7.78 27.81 -30.15
CA ALA A 127 -9.13 27.68 -30.66
C ALA A 127 -10.15 27.82 -29.54
N GLY A 128 -9.74 27.46 -28.32
CA GLY A 128 -10.62 27.57 -27.18
C GLY A 128 -10.46 28.89 -26.47
N GLY A 129 -9.57 29.72 -27.01
CA GLY A 129 -9.34 31.06 -26.48
C GLY A 129 -8.61 31.07 -25.16
N TYR A 130 -7.80 30.06 -24.93
CA TYR A 130 -6.99 30.04 -23.75
C TYR A 130 -5.54 29.94 -24.16
N PRO A 131 -4.97 31.05 -24.66
CA PRO A 131 -3.65 30.93 -25.24
C PRO A 131 -2.54 31.32 -24.26
N HIS A 132 -2.85 31.35 -22.97
CA HIS A 132 -1.92 31.90 -21.98
C HIS A 132 -0.68 31.06 -21.67
N PRO A 133 -0.77 29.71 -21.76
CA PRO A 133 0.47 29.02 -21.46
C PRO A 133 1.30 28.67 -22.68
N ILE A 134 1.09 29.37 -23.79
CA ILE A 134 1.85 29.07 -25.00
C ILE A 134 3.06 29.98 -25.11
N GLY A 135 4.25 29.39 -25.17
CA GLY A 135 5.50 30.14 -25.25
C GLY A 135 5.78 30.61 -26.68
N GLU A 136 6.99 31.13 -26.89
CA GLU A 136 7.39 31.78 -28.15
C GLU A 136 7.78 30.75 -29.21
N ASP A 137 8.19 29.57 -28.77
CA ASP A 137 8.39 28.43 -29.67
C ASP A 137 7.10 28.11 -30.46
N GLY A 138 5.99 28.74 -30.05
CA GLY A 138 4.64 28.42 -30.55
C GLY A 138 3.92 27.31 -29.78
N LEU A 139 4.53 26.82 -28.71
CA LEU A 139 4.02 25.65 -28.02
C LEU A 139 4.00 25.88 -26.52
N VAL A 140 3.16 25.10 -25.84
CA VAL A 140 2.94 25.13 -24.39
C VAL A 140 4.23 25.05 -23.58
N ARG A 141 4.45 26.05 -22.71
CA ARG A 141 5.63 26.17 -21.84
C ARG A 141 5.93 24.90 -21.09
N SER A 142 7.18 24.72 -20.68
CA SER A 142 7.52 23.62 -19.77
C SER A 142 7.25 24.02 -18.33
N GLY A 143 6.75 23.06 -17.55
CA GLY A 143 6.37 23.28 -16.17
C GLY A 143 5.41 22.17 -15.82
N LYS A 144 5.30 21.86 -14.54
CA LYS A 144 4.34 20.86 -14.11
C LYS A 144 2.95 21.46 -14.27
N ALA A 145 2.81 22.71 -13.80
CA ALA A 145 1.55 23.42 -13.87
C ALA A 145 0.93 23.34 -15.25
N GLU A 146 1.77 23.56 -16.26
CA GLU A 146 1.30 23.60 -17.62
C GLU A 146 0.72 22.26 -18.03
N GLY A 147 1.43 21.18 -17.69
CA GLY A 147 0.90 19.84 -17.94
C GLY A 147 -0.44 19.61 -17.24
N MET A 148 -0.58 20.17 -16.03
CA MET A 148 -1.78 19.95 -15.24
C MET A 148 -2.95 20.62 -15.93
N ILE A 149 -2.69 21.84 -16.38
CA ILE A 149 -3.65 22.58 -17.14
C ILE A 149 -4.17 21.69 -18.30
N LEU A 150 -3.25 21.07 -19.03
CA LEU A 150 -3.68 20.21 -20.14
C LEU A 150 -4.44 18.99 -19.63
N ALA A 151 -3.96 18.38 -18.57
CA ALA A 151 -4.62 17.21 -18.08
C ALA A 151 -6.04 17.60 -17.65
N LEU A 152 -6.16 18.79 -17.08
CA LEU A 152 -7.48 19.22 -16.62
C LEU A 152 -8.40 19.26 -17.81
N VAL A 153 -7.90 19.78 -18.93
CA VAL A 153 -8.70 19.81 -20.12
C VAL A 153 -9.14 18.39 -20.52
N PHE A 154 -8.19 17.46 -20.57
CA PHE A 154 -8.54 16.11 -20.90
C PHE A 154 -9.55 15.59 -19.91
N ALA A 155 -9.28 15.81 -18.64
CA ALA A 155 -10.20 15.39 -17.61
C ALA A 155 -11.61 15.91 -17.93
N ALA A 156 -11.74 17.20 -18.20
CA ALA A 156 -13.03 17.79 -18.54
C ALA A 156 -13.64 17.09 -19.75
N LEU A 157 -12.86 16.95 -20.81
CA LEU A 157 -13.31 16.30 -22.04
C LEU A 157 -13.81 14.87 -21.83
N SER A 158 -13.29 14.21 -20.81
CA SER A 158 -13.62 12.81 -20.56
C SER A 158 -14.82 12.63 -19.61
N GLY A 159 -15.39 13.73 -19.14
CA GLY A 159 -16.61 13.65 -18.35
C GLY A 159 -16.42 13.07 -16.98
N ARG A 160 -15.18 12.99 -16.50
CA ARG A 160 -14.95 12.60 -15.13
C ARG A 160 -15.19 13.79 -14.22
N ARG A 161 -15.66 13.50 -13.00
CA ARG A 161 -16.25 14.52 -12.12
C ARG A 161 -15.25 15.03 -11.10
N TYR A 162 -14.23 14.22 -10.84
CA TYR A 162 -13.13 14.52 -9.91
C TYR A 162 -11.77 14.32 -10.56
N VAL A 163 -10.82 15.19 -10.25
CA VAL A 163 -9.43 15.01 -10.74
C VAL A 163 -8.45 14.90 -9.61
N GLY A 164 -7.56 13.92 -9.61
CA GLY A 164 -6.48 13.91 -8.60
C GLY A 164 -5.12 13.82 -9.25
N PHE A 165 -4.08 14.32 -8.61
CA PHE A 165 -2.72 14.23 -9.12
C PHE A 165 -1.83 13.36 -8.26
N ILE A 166 -0.87 12.68 -8.88
CA ILE A 166 0.02 11.72 -8.20
C ILE A 166 1.37 11.82 -8.89
N ASP A 167 2.42 12.14 -8.14
CA ASP A 167 3.75 12.28 -8.74
C ASP A 167 4.28 10.93 -9.17
N ALA A 168 5.07 10.91 -10.22
CA ALA A 168 5.53 9.65 -10.80
C ALA A 168 6.82 9.15 -10.16
N ASP A 169 7.42 9.98 -9.30
CA ASP A 169 8.62 9.57 -8.59
C ASP A 169 8.41 8.68 -7.34
N ASN A 170 7.26 8.04 -7.21
CA ASN A 170 6.98 7.18 -6.07
C ASN A 170 7.61 5.80 -6.13
N TYR A 171 8.14 5.37 -4.99
CA TYR A 171 8.80 4.08 -4.92
C TYR A 171 7.77 3.04 -4.56
N PHE A 172 6.64 3.50 -4.04
CA PHE A 172 5.68 2.62 -3.42
C PHE A 172 4.29 2.66 -4.05
N PRO A 173 3.98 1.67 -4.93
CA PRO A 173 2.69 1.60 -5.57
C PRO A 173 1.54 1.61 -4.55
N GLY A 174 1.80 1.07 -3.37
CA GLY A 174 0.79 0.95 -2.32
C GLY A 174 0.46 2.28 -1.66
N ALA A 175 1.42 3.19 -1.68
CA ALA A 175 1.18 4.52 -1.19
C ALA A 175 0.28 5.28 -2.21
N VAL A 176 0.52 5.06 -3.50
CA VAL A 176 -0.34 5.57 -4.55
C VAL A 176 -1.78 5.12 -4.33
N TRP A 177 -1.95 3.81 -4.11
CA TRP A 177 -3.26 3.24 -3.82
C TRP A 177 -3.94 3.90 -2.63
N GLU A 178 -3.20 4.16 -1.55
CA GLU A 178 -3.72 4.92 -0.42
C GLU A 178 -4.08 6.37 -0.81
N TYR A 179 -3.19 7.07 -1.54
CA TYR A 179 -3.53 8.44 -1.97
C TYR A 179 -4.84 8.43 -2.76
N VAL A 180 -4.99 7.47 -3.66
CA VAL A 180 -6.13 7.56 -4.52
C VAL A 180 -7.43 7.28 -3.72
N ARG A 181 -7.38 6.29 -2.81
CA ARG A 181 -8.55 5.97 -2.03
C ARG A 181 -8.87 7.13 -1.08
N ALA A 182 -7.84 7.74 -0.46
CA ALA A 182 -8.00 8.97 0.36
C ALA A 182 -8.66 10.10 -0.41
N TYR A 183 -8.30 10.29 -1.67
CA TYR A 183 -9.05 11.30 -2.43
C TYR A 183 -10.56 11.00 -2.43
N ALA A 184 -10.90 9.75 -2.77
CA ALA A 184 -12.30 9.28 -2.80
C ALA A 184 -12.98 9.47 -1.44
N ALA A 185 -12.32 9.03 -0.36
CA ALA A 185 -12.74 9.27 1.04
C ALA A 185 -13.16 10.70 1.26
N GLY A 186 -12.27 11.62 0.86
CA GLY A 186 -12.51 13.05 1.03
C GLY A 186 -13.71 13.51 0.24
N PHE A 187 -13.83 13.06 -1.00
CA PHE A 187 -15.01 13.45 -1.75
C PHE A 187 -16.31 12.86 -1.18
N LEU A 188 -16.27 11.66 -0.58
CA LEU A 188 -17.46 11.16 0.11
C LEU A 188 -17.82 12.05 1.27
N MET A 189 -16.86 12.30 2.16
CA MET A 189 -17.11 13.13 3.33
C MET A 189 -17.57 14.50 2.95
N ALA A 190 -17.07 15.02 1.83
CA ALA A 190 -17.47 16.34 1.37
C ALA A 190 -18.98 16.36 1.16
N LYS A 191 -19.58 17.47 1.53
CA LYS A 191 -21.02 17.69 1.34
C LYS A 191 -21.24 18.93 0.48
N THR A 192 -20.32 19.16 -0.45
CA THR A 192 -20.46 20.22 -1.44
C THR A 192 -19.79 19.73 -2.71
N PRO A 193 -20.35 20.10 -3.88
CA PRO A 193 -19.76 19.81 -5.19
C PRO A 193 -18.35 20.42 -5.41
N PHE A 194 -17.96 21.34 -4.51
CA PHE A 194 -16.70 22.07 -4.55
C PHE A 194 -15.70 21.67 -3.45
N ALA A 195 -14.75 20.83 -3.80
CA ALA A 195 -14.02 20.16 -2.76
C ALA A 195 -12.61 19.84 -3.16
N MET A 196 -11.74 19.89 -2.18
CA MET A 196 -10.35 19.69 -2.41
C MET A 196 -9.77 18.81 -1.32
N VAL A 197 -9.00 17.81 -1.71
CA VAL A 197 -8.37 16.86 -0.76
C VAL A 197 -6.88 17.01 -0.90
N ARG A 198 -6.18 17.35 0.17
CA ARG A 198 -4.71 17.47 0.11
C ARG A 198 -4.08 16.46 1.05
N ILE A 199 -3.13 15.68 0.55
CA ILE A 199 -2.49 14.64 1.37
C ILE A 199 -1.28 15.23 2.09
N LEU A 200 -1.05 14.85 3.35
CA LEU A 200 0.27 15.02 3.93
C LEU A 200 0.78 13.75 4.57
N TRP A 201 2.12 13.66 4.63
CA TRP A 201 2.79 12.67 5.47
C TRP A 201 3.65 13.36 6.54
N ARG A 202 3.71 12.80 7.77
CA ARG A 202 4.58 13.39 8.83
C ARG A 202 5.77 12.53 9.34
N VAL A 213 20.16 15.05 7.86
CA VAL A 213 20.98 16.16 7.35
C VAL A 213 20.28 16.80 6.13
N VAL A 214 19.73 15.96 5.26
CA VAL A 214 19.06 16.45 4.04
C VAL A 214 17.55 16.63 4.19
N PHE A 215 16.84 15.53 4.45
CA PHE A 215 15.38 15.53 4.62
C PHE A 215 14.94 16.40 5.81
N ARG A 216 15.67 16.25 6.91
CA ARG A 216 15.57 17.09 8.12
C ARG A 216 15.49 18.62 7.87
N ARG A 217 16.07 19.11 6.79
CA ARG A 217 15.86 20.52 6.42
C ARG A 217 14.56 20.81 5.66
N TYR A 218 14.04 19.83 4.90
CA TYR A 218 12.73 19.98 4.22
C TYR A 218 11.58 20.32 5.19
N GLY A 219 11.66 19.74 6.38
CA GLY A 219 10.68 19.95 7.45
C GLY A 219 10.58 21.37 7.99
N ARG A 220 11.72 21.98 8.31
CA ARG A 220 11.68 23.39 8.72
C ARG A 220 11.10 24.31 7.64
N VAL A 221 11.31 23.98 6.36
CA VAL A 221 10.74 24.75 5.23
C VAL A 221 9.21 24.65 5.12
N SER A 222 8.69 23.44 5.26
CA SER A 222 7.27 23.21 5.16
C SER A 222 6.57 23.78 6.38
N GLU A 223 7.24 23.73 7.52
CA GLU A 223 6.67 24.32 8.73
C GLU A 223 6.57 25.84 8.62
N ARG A 224 7.51 26.41 7.87
CA ARG A 224 7.55 27.84 7.60
C ARG A 224 6.59 28.23 6.48
N ASN A 225 6.45 27.38 5.47
CA ASN A 225 5.43 27.55 4.44
C ASN A 225 4.03 27.53 5.01
N ASN A 226 3.68 26.43 5.68
CA ASN A 226 2.47 26.37 6.47
C ASN A 226 2.27 27.63 7.33
N ARG A 227 3.27 28.03 8.12
CA ARG A 227 3.06 29.25 8.93
C ARG A 227 2.61 30.43 8.08
N ALA A 228 3.42 30.76 7.08
CA ALA A 228 3.14 31.87 6.16
C ALA A 228 1.67 31.97 5.73
N LEU A 229 1.08 30.81 5.43
CA LEU A 229 -0.34 30.73 5.04
C LEU A 229 -1.29 30.95 6.20
N ASN A 230 -0.93 30.46 7.39
CA ASN A 230 -1.79 30.66 8.55
C ASN A 230 -1.75 32.11 8.97
N GLN A 231 -0.59 32.72 8.77
CA GLN A 231 -0.42 34.12 9.04
C GLN A 231 -1.34 34.89 8.09
N LEU A 232 -1.40 34.47 6.84
CA LEU A 232 -2.27 35.12 5.86
C LEU A 232 -3.73 35.10 6.32
N ILE A 233 -4.23 33.91 6.62
CA ILE A 233 -5.59 33.69 7.07
C ILE A 233 -5.90 34.53 8.29
N GLY A 234 -5.04 34.42 9.29
CA GLY A 234 -5.20 35.16 10.54
C GLY A 234 -5.29 36.65 10.28
N GLY A 235 -4.44 37.13 9.37
CA GLY A 235 -4.41 38.54 8.98
C GLY A 235 -5.78 39.07 8.60
N VAL A 236 -6.61 38.22 8.01
CA VAL A 236 -7.98 38.61 7.68
C VAL A 236 -8.86 38.38 8.91
N SER A 237 -8.81 37.15 9.41
CA SER A 237 -9.71 36.74 10.48
C SER A 237 -9.62 37.55 11.77
N GLY A 238 -8.40 37.91 12.20
CA GLY A 238 -8.18 38.65 13.44
C GLY A 238 -7.74 37.75 14.56
N PHE A 239 -8.00 36.45 14.38
CA PHE A 239 -7.64 35.41 15.33
C PHE A 239 -6.54 34.61 14.69
N GLU A 240 -5.54 34.20 15.45
CA GLU A 240 -4.50 33.39 14.81
C GLU A 240 -4.76 31.88 14.86
N THR A 241 -4.41 31.20 13.78
CA THR A 241 -4.76 29.79 13.57
C THR A 241 -3.55 28.93 13.21
N ASP A 242 -3.65 27.63 13.42
CA ASP A 242 -2.61 26.76 12.86
C ASP A 242 -3.16 25.75 11.84
N VAL A 243 -4.36 26.04 11.33
CA VAL A 243 -5.13 25.05 10.61
C VAL A 243 -4.37 24.42 9.43
N VAL A 244 -3.70 25.25 8.61
CA VAL A 244 -3.07 24.74 7.37
C VAL A 244 -1.77 23.98 7.63
N LYS A 245 -1.71 22.76 7.11
CA LYS A 245 -0.59 21.88 7.30
C LYS A 245 -0.19 21.32 5.96
N THR A 246 -0.80 21.80 4.89
CA THR A 246 -0.59 21.26 3.55
C THR A 246 -0.37 22.31 2.48
N ALA A 247 0.47 23.30 2.78
CA ALA A 247 0.74 24.36 1.83
C ALA A 247 1.24 23.75 0.54
N ASN A 248 2.24 22.90 0.65
CA ASN A 248 2.67 22.08 -0.46
C ASN A 248 1.95 20.77 -0.33
N ALA A 249 1.46 20.26 -1.46
CA ALA A 249 0.77 18.98 -1.47
C ALA A 249 0.75 18.52 -2.90
N GLY A 250 1.86 17.93 -3.31
CA GLY A 250 1.98 17.34 -4.65
C GLY A 250 0.80 16.41 -4.87
N GLU A 251 0.50 15.58 -3.88
CA GLU A 251 -0.58 14.66 -3.97
C GLU A 251 -1.80 15.39 -3.40
N HIS A 252 -2.61 15.97 -4.26
CA HIS A 252 -3.87 16.58 -3.86
C HIS A 252 -4.86 16.40 -4.98
N ALA A 253 -6.14 16.52 -4.67
CA ALA A 253 -7.20 16.34 -5.67
C ALA A 253 -8.27 17.36 -5.46
N MET A 254 -9.01 17.64 -6.52
CA MET A 254 -10.15 18.53 -6.42
C MET A 254 -11.22 18.22 -7.40
N SER A 255 -12.44 18.62 -7.04
CA SER A 255 -13.58 18.33 -7.86
C SER A 255 -13.41 19.13 -9.11
N LEU A 256 -13.85 18.61 -10.23
CA LEU A 256 -13.56 19.29 -11.48
C LEU A 256 -14.21 20.68 -11.48
N GLY A 257 -15.46 20.75 -11.04
CA GLY A 257 -16.11 22.05 -10.93
C GLY A 257 -15.26 23.10 -10.24
N LEU A 258 -14.50 22.73 -9.22
CA LEU A 258 -13.64 23.65 -8.49
C LEU A 258 -12.34 24.00 -9.22
N ALA A 259 -11.77 23.06 -9.97
CA ALA A 259 -10.52 23.37 -10.65
C ALA A 259 -10.72 24.30 -11.86
N LEU A 260 -11.81 24.14 -12.59
CA LEU A 260 -12.06 25.05 -13.68
C LEU A 260 -12.24 26.46 -13.12
N ARG A 261 -12.41 26.56 -11.81
CA ARG A 261 -12.76 27.85 -11.24
C ARG A 261 -11.58 28.66 -10.68
N LEU A 262 -10.48 27.94 -10.40
CA LEU A 262 -9.25 28.47 -9.79
C LEU A 262 -8.20 28.86 -10.83
N PRO A 263 -7.57 30.07 -10.68
CA PRO A 263 -6.35 30.34 -11.45
C PRO A 263 -5.21 29.47 -10.92
N LEU A 264 -4.22 29.12 -11.75
CA LEU A 264 -3.09 28.29 -11.29
C LEU A 264 -1.74 28.93 -11.58
N ALA A 265 -0.91 28.97 -10.53
CA ALA A 265 0.42 29.59 -10.62
C ALA A 265 1.39 28.59 -11.24
N SER A 266 2.65 28.98 -11.40
CA SER A 266 3.48 28.26 -12.34
C SER A 266 4.51 27.29 -11.81
N GLY A 267 5.04 27.54 -10.63
CA GLY A 267 6.22 26.80 -10.20
C GLY A 267 5.97 25.86 -9.05
N TYR A 268 6.72 26.05 -7.99
CA TYR A 268 6.38 25.52 -6.69
C TYR A 268 5.41 26.50 -6.04
N ALA A 269 4.80 27.38 -6.84
CA ALA A 269 3.76 28.26 -6.31
C ALA A 269 2.36 27.65 -6.52
N VAL A 270 2.27 26.65 -7.40
CA VAL A 270 0.98 26.02 -7.72
C VAL A 270 0.19 25.59 -6.48
N GLU A 271 0.71 24.65 -5.69
CA GLU A 271 -0.08 24.15 -4.56
C GLU A 271 -0.51 25.20 -3.55
N PRO A 272 0.44 26.08 -3.08
CA PRO A 272 0.06 27.13 -2.12
C PRO A 272 -0.85 28.21 -2.68
N GLN A 273 -0.69 28.52 -3.96
CA GLN A 273 -1.54 29.54 -4.58
C GLN A 273 -3.02 29.11 -4.65
N GLU A 274 -3.26 27.81 -4.82
CA GLU A 274 -4.62 27.27 -4.78
C GLU A 274 -5.33 27.74 -3.49
N LEU A 275 -4.65 27.58 -2.35
CA LEU A 275 -5.18 28.05 -1.09
C LEU A 275 -5.40 29.54 -1.14
N VAL A 276 -4.38 30.26 -1.62
CA VAL A 276 -4.46 31.71 -1.56
C VAL A 276 -5.60 32.16 -2.42
N SER A 277 -5.79 31.45 -3.54
CA SER A 277 -6.84 31.78 -4.50
C SER A 277 -8.19 31.49 -3.87
N LEU A 278 -8.30 30.37 -3.14
CA LEU A 278 -9.57 30.02 -2.51
C LEU A 278 -10.04 31.10 -1.52
N LEU A 279 -9.10 31.61 -0.75
CA LEU A 279 -9.40 32.67 0.21
C LEU A 279 -9.79 33.95 -0.48
N GLU A 280 -8.97 34.37 -1.44
CA GLU A 280 -9.17 35.64 -2.10
C GLU A 280 -10.51 35.64 -2.79
N LEU A 281 -10.89 34.46 -3.29
CA LEU A 281 -12.12 34.34 -4.07
C LEU A 281 -13.35 34.13 -3.21
N TYR A 282 -13.22 33.33 -2.18
CA TYR A 282 -14.39 32.84 -1.47
C TYR A 282 -14.33 33.12 0.03
N GLY A 283 -13.33 33.90 0.45
CA GLY A 283 -13.20 34.33 1.84
C GLY A 283 -14.14 35.46 2.19
N GLY A 284 -15.01 35.82 1.26
CA GLY A 284 -16.04 36.80 1.53
C GLY A 284 -15.53 38.16 1.95
N VAL A 285 -14.30 38.47 1.53
CA VAL A 285 -13.75 39.80 1.70
C VAL A 285 -14.10 40.57 0.45
N PHE A 286 -13.81 39.95 -0.68
CA PHE A 286 -14.25 40.48 -1.94
C PHE A 286 -15.64 39.91 -2.22
N PRO A 287 -16.44 40.65 -3.01
CA PRO A 287 -17.82 40.25 -3.29
C PRO A 287 -17.84 38.99 -4.18
N LEU A 288 -18.61 37.97 -3.80
CA LEU A 288 -18.59 36.67 -4.48
C LEU A 288 -19.56 36.58 -5.65
N GLU A 289 -19.06 36.20 -6.82
CA GLU A 289 -19.86 36.25 -8.05
C GLU A 289 -20.69 34.99 -8.26
N ASP A 290 -19.99 33.86 -8.24
CA ASP A 290 -20.52 32.53 -8.43
C ASP A 290 -21.61 32.25 -7.45
N GLU A 291 -22.86 32.17 -7.87
CA GLU A 291 -23.94 31.81 -6.94
C GLU A 291 -23.84 30.36 -6.48
N GLU A 292 -23.32 29.48 -7.32
CA GLU A 292 -23.26 28.08 -6.91
C GLU A 292 -22.27 27.81 -5.76
N VAL A 293 -21.13 28.47 -5.81
CA VAL A 293 -20.16 28.43 -4.72
C VAL A 293 -20.74 29.16 -3.52
N LEU A 294 -21.47 30.23 -3.77
CA LEU A 294 -22.12 30.95 -2.70
C LEU A 294 -23.06 30.06 -1.90
N GLN A 295 -23.78 29.16 -2.54
CA GLN A 295 -24.72 28.39 -1.75
C GLN A 295 -24.35 26.97 -1.37
N HIS A 296 -23.32 26.43 -2.00
CA HIS A 296 -22.85 25.13 -1.56
C HIS A 296 -21.65 25.26 -0.63
N GLY A 297 -20.92 26.37 -0.76
CA GLY A 297 -19.62 26.55 -0.10
C GLY A 297 -18.49 25.66 -0.61
N VAL A 298 -17.30 25.84 -0.05
CA VAL A 298 -16.16 25.00 -0.38
C VAL A 298 -15.62 24.31 0.84
N GLU A 299 -15.35 23.01 0.72
CA GLU A 299 -14.60 22.22 1.72
C GLU A 299 -13.18 21.83 1.29
N ILE A 300 -12.21 22.13 2.13
CA ILE A 300 -10.86 21.64 1.91
C ILE A 300 -10.52 20.57 2.93
N PHE A 301 -10.06 19.42 2.44
CA PHE A 301 -9.69 18.32 3.32
C PHE A 301 -8.19 18.14 3.39
N GLN A 302 -7.69 17.90 4.59
CA GLN A 302 -6.27 17.59 4.75
C GLN A 302 -6.15 16.21 5.37
N ILE A 303 -5.77 15.21 4.57
CA ILE A 303 -5.69 13.81 5.06
C ILE A 303 -4.26 13.29 5.28
N GLU A 304 -4.00 12.79 6.48
CA GLU A 304 -2.68 12.28 6.81
C GLU A 304 -2.58 10.76 6.68
N THR A 305 -1.60 10.40 5.90
CA THR A 305 -1.50 9.11 5.32
C THR A 305 -0.79 8.08 6.21
N ARG A 306 -1.13 6.81 6.07
CA ARG A 306 -0.43 5.76 6.82
C ARG A 306 0.91 5.35 6.24
N ASN A 307 1.05 5.44 4.93
CA ASN A 307 2.30 5.05 4.32
C ASN A 307 3.28 6.18 4.26
N PRO A 308 4.54 5.90 4.66
CA PRO A 308 5.61 6.89 4.46
C PRO A 308 5.68 7.30 2.99
N ALA A 309 6.09 8.55 2.73
CA ALA A 309 6.26 8.98 1.35
C ALA A 309 7.71 8.72 0.95
N LEU A 310 7.92 8.00 -0.14
CA LEU A 310 9.26 7.82 -0.61
C LEU A 310 9.35 8.13 -2.07
N HIS A 311 10.14 9.16 -2.34
CA HIS A 311 10.30 9.56 -3.69
C HIS A 311 11.75 9.38 -4.03
N GLU A 312 12.03 9.42 -5.32
CA GLU A 312 13.37 9.45 -5.82
C GLU A 312 13.75 10.92 -6.01
N ASN A 313 14.85 11.33 -5.37
CA ASN A 313 15.38 12.67 -5.59
C ASN A 313 16.76 12.60 -6.22
N LYS A 314 17.14 13.62 -6.99
CA LYS A 314 18.50 13.63 -7.58
C LYS A 314 19.08 15.02 -7.85
N GLY A 315 18.73 15.99 -7.01
CA GLY A 315 19.13 17.40 -7.17
C GLY A 315 18.28 18.29 -6.28
N ASP A 316 18.77 18.54 -5.06
CA ASP A 316 17.94 19.12 -3.98
C ASP A 316 18.20 20.60 -3.66
N GLU A 317 18.69 21.32 -4.67
CA GLU A 317 18.82 22.78 -4.64
C GLU A 317 17.42 23.39 -4.52
N HIS A 318 16.41 22.57 -4.86
CA HIS A 318 15.01 22.99 -5.01
C HIS A 318 14.28 23.29 -3.69
N ILE A 319 14.98 23.03 -2.58
CA ILE A 319 14.43 23.27 -1.25
C ILE A 319 14.28 24.77 -0.93
N ARG A 320 15.38 25.54 -1.13
CA ARG A 320 15.36 26.99 -0.99
C ARG A 320 14.29 27.59 -1.91
N ASP A 321 14.19 27.01 -3.10
CA ASP A 321 13.35 27.52 -4.18
C ASP A 321 11.89 27.47 -3.82
N MET A 322 11.48 26.39 -3.15
CA MET A 322 10.08 26.26 -2.82
C MET A 322 9.66 27.00 -1.57
N LEU A 323 10.60 27.22 -0.66
CA LEU A 323 10.39 28.20 0.38
C LEU A 323 10.04 29.54 -0.27
N LEU A 324 10.90 29.97 -1.21
CA LEU A 324 10.72 31.24 -1.90
C LEU A 324 9.36 31.35 -2.58
N ALA A 325 9.01 30.33 -3.35
CA ALA A 325 7.83 30.39 -4.18
C ALA A 325 6.57 30.62 -3.34
N CYS A 326 6.44 29.87 -2.26
CA CYS A 326 5.26 29.92 -1.38
C CYS A 326 5.13 31.21 -0.52
N LEU A 327 6.22 31.70 0.02
CA LEU A 327 6.20 33.01 0.70
C LEU A 327 5.87 34.17 -0.26
N ALA A 328 6.29 34.05 -1.52
CA ALA A 328 6.02 35.05 -2.59
C ALA A 328 4.54 35.20 -2.85
N THR A 329 3.87 34.04 -2.87
CA THR A 329 2.44 33.90 -3.09
C THR A 329 1.66 34.73 -2.09
N VAL A 330 2.02 34.50 -0.83
CA VAL A 330 1.33 35.08 0.32
C VAL A 330 1.57 36.57 0.33
N TYR A 331 2.83 36.91 0.24
CA TYR A 331 3.23 38.28 0.14
C TYR A 331 2.39 39.05 -0.90
N HIS A 332 2.11 38.43 -2.04
CA HIS A 332 1.40 39.10 -3.14
C HIS A 332 -0.12 38.92 -3.16
N SER A 333 -0.65 38.18 -2.20
CA SER A 333 -2.09 38.00 -2.09
C SER A 333 -2.74 39.32 -1.76
N LYS A 334 -3.91 39.54 -2.36
CA LYS A 334 -4.71 40.73 -2.14
C LYS A 334 -5.25 40.82 -0.70
N LEU A 335 -4.88 39.86 0.16
CA LEU A 335 -5.41 39.79 1.53
C LEU A 335 -4.34 39.90 2.62
N ALA A 336 -3.08 40.00 2.20
CA ALA A 336 -1.99 40.11 3.13
C ALA A 336 -1.93 41.50 3.78
N THR A 337 -2.03 41.53 5.11
CA THR A 337 -1.88 42.77 5.89
C THR A 337 -0.41 43.03 6.13
N GLU A 338 -0.06 44.30 6.35
CA GLU A 338 1.34 44.73 6.47
C GLU A 338 2.22 43.77 7.28
N GLU A 339 1.85 43.58 8.55
CA GLU A 339 2.50 42.62 9.47
C GLU A 339 2.75 41.23 8.83
N VAL A 340 1.78 40.71 8.08
CA VAL A 340 2.00 39.44 7.35
C VAL A 340 3.03 39.60 6.21
N ARG A 341 2.94 40.70 5.48
CA ARG A 341 3.87 40.95 4.38
C ARG A 341 5.29 41.09 4.89
N GLN A 342 5.43 41.80 6.02
CA GLN A 342 6.71 42.01 6.70
C GLN A 342 7.34 40.69 7.21
N SER A 343 6.55 39.87 7.92
CA SER A 343 7.04 38.61 8.50
C SER A 343 7.58 37.70 7.40
N VAL A 344 7.01 37.84 6.21
CA VAL A 344 7.40 37.06 5.04
C VAL A 344 8.66 37.63 4.38
N LEU A 345 8.82 38.95 4.43
CA LEU A 345 10.04 39.61 3.94
C LEU A 345 11.28 39.22 4.73
N GLU A 346 11.21 39.35 6.05
CA GLU A 346 12.31 39.03 6.96
C GLU A 346 12.86 37.59 6.82
N GLU A 347 11.96 36.59 6.81
CA GLU A 347 12.35 35.18 6.66
C GLU A 347 13.17 34.91 5.38
N LEU A 348 12.63 35.35 4.26
CA LEU A 348 13.29 35.25 2.96
C LEU A 348 14.72 35.80 2.92
N GLN A 349 14.83 37.12 3.11
CA GLN A 349 16.13 37.82 3.12
C GLN A 349 17.05 37.16 4.13
N ALA A 350 16.37 36.44 5.11
CA ALA A 350 17.03 35.48 5.99
C ALA A 350 17.15 34.08 5.41
N ALA A 351 17.48 33.96 4.12
CA ALA A 351 17.92 32.68 3.53
C ALA A 351 18.88 32.91 2.30
N GLU A 358 17.16 41.72 -1.06
CA GLU A 358 16.27 42.86 -0.89
C GLU A 358 15.26 43.01 -2.06
N GLU A 359 14.53 41.93 -2.41
CA GLU A 359 13.56 41.90 -3.56
C GLU A 359 12.62 40.66 -3.57
N PRO A 360 11.30 40.83 -3.86
CA PRO A 360 10.28 39.69 -3.84
C PRO A 360 9.36 39.40 -5.07
N PRO A 361 9.71 38.42 -5.94
CA PRO A 361 9.08 38.30 -7.27
C PRO A 361 7.66 37.75 -7.27
N PRO A 362 6.77 38.34 -8.11
CA PRO A 362 5.33 38.04 -8.16
C PRO A 362 5.01 36.78 -8.95
N PRO A 363 4.02 35.99 -8.50
CA PRO A 363 3.85 34.73 -9.19
C PRO A 363 3.16 34.91 -10.54
N VAL A 364 3.36 33.97 -11.45
CA VAL A 364 2.78 34.02 -12.78
C VAL A 364 1.47 33.21 -12.77
N LEU A 365 0.35 33.88 -12.99
CA LEU A 365 -0.97 33.24 -12.85
C LEU A 365 -1.77 33.11 -14.14
N TYR A 366 -2.13 31.88 -14.44
CA TYR A 366 -2.97 31.58 -15.55
C TYR A 366 -4.40 31.73 -15.08
N PRO A 367 -5.28 32.28 -15.94
CA PRO A 367 -6.67 32.53 -15.58
C PRO A 367 -7.43 31.22 -15.46
N PRO A 368 -8.59 31.22 -14.76
CA PRO A 368 -9.35 29.96 -14.56
C PRO A 368 -9.71 29.34 -15.87
N LEU A 369 -9.84 28.03 -15.87
CA LEU A 369 -10.11 27.25 -17.09
C LEU A 369 -11.54 27.31 -17.53
N SER A 370 -12.44 27.68 -16.61
CA SER A 370 -13.83 27.98 -16.92
C SER A 370 -13.93 28.84 -18.15
N SER A 371 -12.91 29.65 -18.38
CA SER A 371 -12.87 30.56 -19.51
C SER A 371 -12.72 29.85 -20.85
N LEU A 372 -12.08 28.69 -20.85
CA LEU A 372 -11.81 27.91 -22.07
C LEU A 372 -13.07 27.39 -22.75
N ASP A 373 -13.18 27.58 -24.06
CA ASP A 373 -14.33 27.04 -24.80
C ASP A 373 -14.16 25.58 -25.18
N LEU A 374 -14.72 24.70 -24.35
CA LEU A 374 -14.60 23.26 -24.57
C LEU A 374 -14.98 22.77 -25.96
N GLN A 375 -16.04 23.33 -26.51
CA GLN A 375 -16.47 23.02 -27.86
C GLN A 375 -15.38 23.24 -28.90
N ALA A 376 -14.75 24.40 -28.82
CA ALA A 376 -13.71 24.76 -29.76
C ALA A 376 -12.57 23.79 -29.66
N VAL A 377 -12.19 23.46 -28.43
CA VAL A 377 -11.11 22.53 -28.19
C VAL A 377 -11.51 21.21 -28.82
N ARG A 378 -12.74 20.83 -28.56
CA ARG A 378 -13.24 19.56 -29.02
C ARG A 378 -13.13 19.47 -30.54
N LYS A 379 -13.60 20.53 -31.20
CA LYS A 379 -13.49 20.69 -32.65
C LYS A 379 -12.04 20.59 -33.10
N ALA A 380 -11.14 21.23 -32.35
CA ALA A 380 -9.71 21.30 -32.71
C ALA A 380 -9.01 19.96 -32.74
N LEU A 381 -9.56 19.00 -31.99
CA LEU A 381 -8.88 17.75 -31.75
C LEU A 381 -9.64 16.54 -32.28
N ARG A 382 -10.63 16.78 -33.14
CA ARG A 382 -11.34 15.72 -33.85
C ARG A 382 -10.42 14.59 -34.31
N GLY A 383 -9.51 14.90 -35.24
CA GLY A 383 -8.67 13.90 -35.91
C GLY A 383 -7.69 13.16 -35.01
N HIS A 384 -7.39 13.75 -33.86
CA HIS A 384 -6.23 13.35 -33.08
C HIS A 384 -6.54 12.52 -31.82
N PHE A 385 -7.78 12.58 -31.35
CA PHE A 385 -8.15 11.91 -30.09
C PHE A 385 -7.76 10.41 -30.14
N SER A 386 -7.77 9.89 -31.36
CA SER A 386 -7.26 8.57 -31.70
C SER A 386 -5.92 8.22 -31.02
N ARG A 387 -4.96 9.16 -31.04
CA ARG A 387 -3.57 8.90 -30.62
C ARG A 387 -3.26 9.27 -29.17
N PHE A 388 -4.11 10.11 -28.59
CA PHE A 388 -4.10 10.36 -27.16
C PHE A 388 -4.62 9.16 -26.38
N ARG A 389 -5.63 8.50 -26.94
CA ARG A 389 -6.24 7.31 -26.35
C ARG A 389 -5.36 6.08 -26.54
N VAL A 390 -5.34 5.25 -25.48
CA VAL A 390 -4.84 3.88 -25.57
C VAL A 390 -5.86 2.87 -25.06
N PRO A 391 -6.09 1.81 -25.87
CA PRO A 391 -7.07 0.78 -25.54
C PRO A 391 -6.48 -0.16 -24.49
N MET B 1 -7.33 -7.60 -8.01
CA MET B 1 -5.88 -7.83 -8.13
C MET B 1 -5.66 -8.66 -9.36
N ARG B 2 -4.78 -8.21 -10.22
CA ARG B 2 -4.45 -8.91 -11.45
C ARG B 2 -3.02 -9.47 -11.34
N LEU B 3 -2.88 -10.77 -11.55
CA LEU B 3 -1.59 -11.42 -11.55
C LEU B 3 -1.24 -12.10 -12.88
N GLU B 4 0.05 -12.22 -13.17
CA GLU B 4 0.57 -13.15 -14.18
C GLU B 4 0.14 -14.59 -13.94
N ILE B 5 0.11 -15.40 -14.99
CA ILE B 5 -0.06 -16.85 -14.88
C ILE B 5 1.28 -17.58 -14.68
N PRO B 6 1.36 -18.55 -13.75
CA PRO B 6 2.68 -19.17 -13.58
C PRO B 6 3.14 -19.78 -14.90
N ASN B 7 4.32 -19.39 -15.36
CA ASN B 7 4.85 -19.93 -16.62
C ASN B 7 4.95 -21.47 -16.63
N HIS B 8 5.09 -22.09 -15.45
CA HIS B 8 5.14 -23.55 -15.35
C HIS B 8 4.93 -24.05 -13.91
N THR B 9 4.62 -25.34 -13.74
CA THR B 9 4.25 -25.88 -12.42
C THR B 9 4.93 -27.22 -12.19
N GLU B 10 5.53 -27.43 -11.01
CA GLU B 10 6.24 -28.69 -10.71
C GLU B 10 5.27 -29.62 -10.10
N ARG B 11 5.00 -30.74 -10.75
CA ARG B 11 4.22 -31.77 -10.12
C ARG B 11 5.20 -32.68 -9.41
N PHE B 12 4.90 -32.92 -8.16
CA PHE B 12 5.74 -33.71 -7.30
C PHE B 12 4.79 -34.47 -6.35
N GLY B 13 4.46 -35.70 -6.72
CA GLY B 13 3.37 -36.43 -6.09
C GLY B 13 2.08 -35.69 -6.34
N VAL B 14 1.30 -35.49 -5.28
CA VAL B 14 0.10 -34.70 -5.40
C VAL B 14 0.38 -33.24 -5.08
N VAL B 15 1.64 -32.89 -4.83
CA VAL B 15 2.02 -31.50 -4.61
C VAL B 15 2.16 -30.81 -5.97
N ARG B 16 1.65 -29.58 -6.10
CA ARG B 16 1.87 -28.78 -7.32
C ARG B 16 2.46 -27.44 -6.94
N LEU B 17 3.64 -27.18 -7.43
CA LEU B 17 4.38 -26.03 -7.00
C LEU B 17 4.41 -25.05 -8.14
N HIS B 18 3.77 -23.91 -7.97
CA HIS B 18 3.72 -22.95 -9.10
C HIS B 18 4.87 -21.99 -9.16
N GLU B 19 5.32 -21.74 -10.38
CA GLU B 19 6.31 -20.70 -10.66
C GLU B 19 5.81 -19.31 -10.25
N VAL B 20 6.75 -18.44 -9.88
CA VAL B 20 6.45 -17.10 -9.41
C VAL B 20 5.48 -16.39 -10.30
N GLN B 21 4.53 -15.69 -9.67
CA GLN B 21 3.51 -14.85 -10.33
C GLN B 21 3.65 -13.40 -9.89
N ARG B 22 3.93 -12.48 -10.80
CA ARG B 22 3.95 -11.07 -10.38
C ARG B 22 2.52 -10.52 -10.13
N ILE B 23 2.36 -9.69 -9.11
CA ILE B 23 1.18 -8.83 -9.06
C ILE B 23 1.38 -7.68 -10.10
N LEU B 24 0.38 -7.49 -10.97
CA LEU B 24 0.48 -6.57 -12.09
C LEU B 24 -0.30 -5.31 -11.84
N GLU B 25 -1.45 -5.49 -11.20
CA GLU B 25 -2.40 -4.42 -10.88
C GLU B 25 -2.82 -4.70 -9.43
N LEU B 26 -2.63 -3.73 -8.54
CA LEU B 26 -2.88 -4.00 -7.12
C LEU B 26 -4.32 -4.32 -6.80
N ASP B 27 -5.19 -3.59 -7.48
CA ASP B 27 -6.62 -3.58 -7.22
C ASP B 27 -7.29 -3.61 -8.54
N SER B 28 -7.81 -4.78 -8.95
CA SER B 28 -8.40 -4.89 -10.28
C SER B 28 -9.91 -4.62 -10.34
N GLY B 29 -10.46 -4.01 -9.28
CA GLY B 29 -11.82 -3.52 -9.26
C GLY B 29 -12.81 -4.66 -9.13
N ARG B 30 -14.02 -4.39 -9.63
CA ARG B 30 -15.16 -5.30 -9.55
C ARG B 30 -15.54 -5.88 -10.91
N VAL B 31 -15.26 -7.15 -11.16
CA VAL B 31 -15.73 -7.72 -12.45
C VAL B 31 -17.28 -7.71 -12.54
N ARG B 32 -17.81 -7.59 -13.73
CA ARG B 32 -19.25 -7.36 -13.92
C ARG B 32 -19.54 -7.84 -15.32
N ASP B 33 -18.43 -7.88 -16.07
CA ASP B 33 -18.37 -8.48 -17.36
C ASP B 33 -17.39 -9.63 -17.16
N GLU B 34 -16.73 -10.06 -18.25
CA GLU B 34 -15.75 -11.15 -18.20
C GLU B 34 -14.87 -11.21 -19.44
N SER B 35 -13.60 -11.53 -19.16
CA SER B 35 -12.59 -11.89 -20.15
C SER B 35 -11.38 -12.26 -19.28
N PRO B 36 -11.34 -13.52 -18.76
CA PRO B 36 -10.04 -13.95 -18.15
C PRO B 36 -9.01 -14.06 -19.31
N ALA B 37 -8.40 -12.92 -19.67
CA ALA B 37 -7.66 -12.80 -20.96
C ALA B 37 -6.39 -13.67 -20.90
N VAL B 38 -6.22 -14.51 -21.92
CA VAL B 38 -5.37 -15.72 -21.75
C VAL B 38 -4.32 -15.45 -20.66
N GLY B 39 -3.63 -14.31 -20.80
CA GLY B 39 -2.37 -14.03 -20.14
C GLY B 39 -2.39 -14.11 -18.64
N LEU B 40 -3.53 -13.74 -18.05
CA LEU B 40 -3.56 -13.47 -16.62
C LEU B 40 -4.84 -13.75 -15.88
N ARG B 41 -4.72 -13.65 -14.56
CA ARG B 41 -5.73 -13.98 -13.58
C ARG B 41 -6.18 -12.67 -12.99
N ARG B 42 -7.50 -12.52 -12.88
CA ARG B 42 -8.12 -11.30 -12.37
C ARG B 42 -9.01 -11.73 -11.24
N LEU B 43 -8.90 -11.08 -10.10
CA LEU B 43 -9.64 -11.55 -8.93
C LEU B 43 -10.63 -10.53 -8.40
N ASP B 44 -11.88 -10.98 -8.22
CA ASP B 44 -12.91 -10.06 -7.84
C ASP B 44 -12.76 -9.65 -6.39
N ASP B 45 -13.00 -8.38 -6.17
CA ASP B 45 -12.88 -7.80 -4.88
C ASP B 45 -13.76 -8.51 -3.90
N ALA B 46 -15.02 -8.71 -4.26
CA ALA B 46 -15.98 -9.48 -3.48
C ALA B 46 -15.42 -10.84 -3.11
N ASP B 47 -14.91 -11.56 -4.11
CA ASP B 47 -14.31 -12.86 -3.84
C ASP B 47 -13.15 -12.77 -2.87
N LEU B 48 -12.26 -11.83 -3.13
CA LEU B 48 -11.15 -11.54 -2.23
C LEU B 48 -11.58 -11.37 -0.78
N ARG B 49 -12.57 -10.51 -0.56
CA ARG B 49 -13.09 -10.24 0.78
C ARG B 49 -13.82 -11.44 1.39
N ASP B 50 -14.59 -12.18 0.60
CA ASP B 50 -15.25 -13.37 1.14
C ASP B 50 -14.19 -14.36 1.67
N VAL B 51 -13.07 -14.48 0.98
CA VAL B 51 -11.98 -15.32 1.46
C VAL B 51 -11.42 -14.76 2.76
N LEU B 52 -11.17 -13.46 2.78
CA LEU B 52 -10.54 -12.83 3.94
C LEU B 52 -11.39 -12.85 5.19
N GLU B 53 -12.71 -12.90 5.02
CA GLU B 53 -13.64 -13.05 6.13
C GLU B 53 -13.46 -14.39 6.83
N GLN B 54 -12.98 -15.40 6.10
CA GLN B 54 -12.53 -16.69 6.67
C GLN B 54 -11.01 -16.77 7.08
N THR B 55 -10.30 -15.63 7.08
CA THR B 55 -8.85 -15.60 7.30
C THR B 55 -8.44 -15.01 8.65
N ALA B 56 -7.53 -15.69 9.33
CA ALA B 56 -6.82 -15.11 10.46
C ALA B 56 -5.47 -14.60 9.98
N ILE B 57 -5.04 -13.45 10.49
CA ILE B 57 -3.70 -12.96 10.17
C ILE B 57 -2.87 -12.84 11.44
N VAL B 58 -1.91 -13.72 11.59
CA VAL B 58 -1.07 -13.71 12.76
C VAL B 58 0.04 -12.68 12.65
N VAL B 59 0.15 -11.82 13.65
CA VAL B 59 1.31 -10.92 13.76
C VAL B 59 2.13 -11.25 15.00
N PRO B 60 3.27 -11.93 14.80
CA PRO B 60 4.19 -12.22 15.93
C PRO B 60 5.11 -11.05 16.25
N THR B 61 5.37 -10.88 17.52
CA THR B 61 6.08 -9.73 17.97
C THR B 61 6.85 -10.05 19.25
N ARG B 62 8.09 -9.54 19.31
CA ARG B 62 9.00 -9.66 20.45
C ARG B 62 9.69 -8.30 20.56
N ASN B 63 9.21 -7.42 21.44
CA ASN B 63 9.79 -6.07 21.68
C ASN B 63 9.94 -5.20 20.46
N GLU B 64 9.04 -5.37 19.51
CA GLU B 64 8.95 -4.54 18.32
C GLU B 64 8.46 -3.21 18.80
N ARG B 65 8.76 -2.13 18.08
CA ARG B 65 8.30 -0.79 18.52
C ARG B 65 6.79 -0.63 18.29
N LEU B 66 6.13 0.04 19.22
CA LEU B 66 4.68 0.13 19.20
C LEU B 66 4.14 0.81 17.94
N LYS B 67 4.78 1.89 17.52
CA LYS B 67 4.43 2.55 16.28
C LYS B 67 4.48 1.60 15.10
N LEU B 68 5.58 0.87 14.95
CA LEU B 68 5.63 -0.14 13.89
C LEU B 68 4.44 -1.07 13.94
N LEU B 69 4.15 -1.57 15.15
CA LEU B 69 3.14 -2.62 15.34
C LEU B 69 1.76 -2.11 14.99
N GLU B 70 1.47 -0.90 15.39
CA GLU B 70 0.18 -0.36 15.09
C GLU B 70 0.05 -0.03 13.59
N GLY B 71 1.14 0.37 12.96
CA GLY B 71 1.19 0.59 11.52
C GLY B 71 0.81 -0.67 10.78
N VAL B 72 1.36 -1.79 11.24
CA VAL B 72 1.08 -3.07 10.61
C VAL B 72 -0.39 -3.41 10.75
N LEU B 73 -0.96 -3.09 11.91
CA LEU B 73 -2.35 -3.38 12.18
C LEU B 73 -3.27 -2.62 11.27
N SER B 74 -2.98 -1.33 11.10
CA SER B 74 -3.77 -0.43 10.27
C SER B 74 -3.80 -0.89 8.82
N GLY B 75 -2.83 -1.73 8.46
CA GLY B 75 -2.71 -2.20 7.11
C GLY B 75 -3.50 -3.45 6.83
N ILE B 76 -3.95 -4.14 7.85
CA ILE B 76 -4.67 -5.41 7.65
C ILE B 76 -6.10 -5.14 7.24
N PRO B 77 -6.53 -5.70 6.11
CA PRO B 77 -7.91 -5.51 5.68
C PRO B 77 -8.90 -5.87 6.78
N HIS B 78 -9.97 -5.12 6.84
CA HIS B 78 -11.02 -5.26 7.85
C HIS B 78 -11.48 -6.69 8.02
N GLU B 79 -11.65 -7.39 6.91
CA GLU B 79 -12.27 -8.70 6.96
C GLU B 79 -11.50 -9.72 7.81
N ALA B 80 -10.21 -9.50 8.06
CA ALA B 80 -9.41 -10.54 8.68
C ALA B 80 -9.37 -10.43 10.20
N LEU B 81 -9.30 -11.59 10.86
CA LEU B 81 -9.14 -11.64 12.30
C LEU B 81 -7.66 -11.46 12.64
N ILE B 82 -7.39 -10.57 13.59
CA ILE B 82 -6.02 -10.32 14.01
C ILE B 82 -5.68 -11.12 15.25
N LEU B 83 -4.76 -12.07 15.12
CA LEU B 83 -4.12 -12.65 16.31
C LEU B 83 -2.75 -12.05 16.41
N VAL B 84 -2.49 -11.45 17.57
CA VAL B 84 -1.16 -10.97 17.94
C VAL B 84 -0.53 -11.99 18.91
N ALA B 85 0.47 -12.69 18.39
CA ALA B 85 1.27 -13.63 19.17
C ALA B 85 2.49 -12.89 19.65
N SER B 86 2.52 -12.60 20.95
CA SER B 86 3.60 -11.81 21.54
C SER B 86 4.56 -12.64 22.36
N ASN B 87 5.77 -12.14 22.54
CA ASN B 87 6.76 -12.79 23.37
C ASN B 87 7.71 -11.73 23.94
N SER B 88 7.16 -10.51 24.06
CA SER B 88 7.88 -9.35 24.58
C SER B 88 8.13 -9.37 26.10
N SER B 89 8.84 -8.37 26.60
CA SER B 89 9.03 -8.21 28.04
C SER B 89 7.67 -7.90 28.68
N PRO B 90 7.47 -8.28 29.97
CA PRO B 90 6.09 -8.24 30.46
C PRO B 90 5.51 -6.82 30.48
N ASP B 91 6.35 -5.84 30.77
CA ASP B 91 5.98 -4.44 30.62
C ASP B 91 5.50 -4.14 29.22
N ARG B 92 6.28 -4.53 28.21
CA ARG B 92 5.97 -4.20 26.81
C ARG B 92 4.67 -4.87 26.36
N PHE B 93 4.46 -6.10 26.81
CA PHE B 93 3.25 -6.85 26.50
C PHE B 93 1.99 -6.12 26.93
N GLN B 94 1.99 -5.55 28.14
CA GLN B 94 0.85 -4.76 28.61
C GLN B 94 0.57 -3.56 27.68
N MET B 95 1.62 -2.92 27.18
CA MET B 95 1.48 -1.82 26.23
C MET B 95 0.87 -2.32 24.92
N GLU B 96 1.23 -3.55 24.55
CA GLU B 96 0.73 -4.18 23.34
C GLU B 96 -0.77 -4.45 23.45
N ARG B 97 -1.22 -5.04 24.56
CA ARG B 97 -2.65 -5.30 24.78
C ARG B 97 -3.41 -3.99 24.70
N ASP B 98 -2.91 -2.97 25.40
CA ASP B 98 -3.46 -1.63 25.36
C ASP B 98 -3.60 -1.15 23.92
N LEU B 99 -2.48 -1.15 23.20
CA LEU B 99 -2.46 -0.78 21.79
C LEU B 99 -3.56 -1.44 21.01
N LEU B 100 -3.63 -2.77 21.10
CA LEU B 100 -4.58 -3.57 20.34
C LEU B 100 -6.06 -3.36 20.79
N GLU B 101 -6.30 -3.42 22.09
CA GLU B 101 -7.62 -3.09 22.66
C GLU B 101 -8.14 -1.76 22.11
N GLU B 102 -7.28 -0.73 22.03
CA GLU B 102 -7.71 0.52 21.46
C GLU B 102 -8.02 0.43 19.96
N PHE B 103 -7.08 -0.07 19.18
CA PHE B 103 -7.25 -0.16 17.72
C PHE B 103 -8.54 -0.86 17.34
N ALA B 104 -8.76 -2.03 17.91
CA ALA B 104 -9.86 -2.92 17.57
C ALA B 104 -11.14 -2.33 18.03
N HIS B 105 -11.07 -1.50 19.07
CA HIS B 105 -12.26 -0.85 19.53
C HIS B 105 -12.71 0.21 18.54
N LEU B 106 -11.77 1.06 18.17
CA LEU B 106 -11.98 2.17 17.30
C LEU B 106 -12.40 1.76 15.91
N THR B 107 -11.79 0.71 15.39
CA THR B 107 -12.06 0.19 14.05
C THR B 107 -13.13 -0.88 14.05
N GLU B 108 -13.76 -1.05 15.21
CA GLU B 108 -14.88 -1.98 15.46
C GLU B 108 -14.66 -3.38 14.89
N ARG B 109 -13.58 -4.01 15.30
CA ARG B 109 -13.30 -5.36 14.84
C ARG B 109 -12.76 -6.25 15.99
N PRO B 110 -12.93 -7.58 15.88
CA PRO B 110 -12.45 -8.51 16.87
C PRO B 110 -10.96 -8.86 16.67
N ALA B 111 -10.27 -9.16 17.78
CA ALA B 111 -8.84 -9.50 17.79
C ALA B 111 -8.47 -10.36 19.01
N LEU B 112 -7.47 -11.20 18.86
CA LEU B 112 -6.93 -11.97 19.95
C LEU B 112 -5.49 -11.58 20.17
N ILE B 113 -5.07 -11.57 21.43
CA ILE B 113 -3.67 -11.36 21.72
C ILE B 113 -3.33 -12.26 22.87
N PHE B 114 -2.15 -12.87 22.81
CA PHE B 114 -1.74 -13.78 23.85
C PHE B 114 -0.26 -13.69 24.00
N HIS B 115 0.24 -13.86 25.23
CA HIS B 115 1.66 -14.03 25.44
C HIS B 115 2.08 -15.51 25.37
N GLN B 116 3.21 -15.75 24.72
CA GLN B 116 3.75 -17.08 24.45
C GLN B 116 4.28 -17.79 25.70
N LYS B 117 4.43 -17.06 26.80
CA LYS B 117 4.95 -17.58 28.05
C LYS B 117 3.85 -17.70 29.11
N ASP B 118 2.60 -17.47 28.70
CA ASP B 118 1.42 -17.65 29.56
C ASP B 118 1.37 -19.08 30.08
N PRO B 119 1.30 -19.26 31.42
CA PRO B 119 1.13 -20.59 32.02
C PRO B 119 -0.12 -21.33 31.57
N ALA B 120 -1.24 -20.64 31.41
CA ALA B 120 -2.49 -21.27 30.96
C ALA B 120 -2.34 -21.97 29.61
N LEU B 121 -1.48 -21.44 28.76
CA LEU B 121 -1.24 -22.01 27.43
C LEU B 121 -0.38 -23.26 27.46
N ALA B 122 0.68 -23.23 28.26
CA ALA B 122 1.53 -24.40 28.45
C ALA B 122 0.69 -25.52 29.00
N GLU B 123 -0.19 -25.17 29.93
CA GLU B 123 -1.00 -26.16 30.60
C GLU B 123 -2.02 -26.72 29.64
N ALA B 124 -2.57 -25.85 28.79
CA ALA B 124 -3.59 -26.24 27.82
C ALA B 124 -3.03 -27.16 26.76
N LEU B 125 -1.79 -26.90 26.34
CA LEU B 125 -1.15 -27.72 25.33
C LEU B 125 -0.97 -29.14 25.87
N ARG B 126 -0.68 -29.22 27.17
CA ARG B 126 -0.45 -30.47 27.86
C ARG B 126 -1.73 -31.26 27.98
N ALA B 127 -2.82 -30.54 28.24
CA ALA B 127 -4.18 -31.10 28.25
C ALA B 127 -4.51 -31.72 26.89
N GLY B 128 -4.25 -30.96 25.83
CA GLY B 128 -4.43 -31.46 24.46
C GLY B 128 -3.43 -32.52 24.06
N GLY B 129 -2.54 -32.88 24.98
CA GLY B 129 -1.49 -33.87 24.72
C GLY B 129 -0.48 -33.40 23.68
N TYR B 130 -0.03 -32.16 23.79
CA TYR B 130 0.99 -31.64 22.88
C TYR B 130 2.09 -30.99 23.72
N PRO B 131 2.82 -31.82 24.48
CA PRO B 131 3.74 -31.32 25.49
C PRO B 131 5.02 -30.80 24.85
N HIS B 132 5.13 -31.00 23.55
CA HIS B 132 6.36 -30.85 22.82
C HIS B 132 7.10 -29.48 22.92
N PRO B 133 6.40 -28.35 22.74
CA PRO B 133 7.18 -27.10 22.80
C PRO B 133 7.43 -26.48 24.19
N ILE B 134 7.03 -27.20 25.25
CA ILE B 134 7.13 -26.67 26.61
C ILE B 134 8.56 -26.81 27.12
N GLY B 135 9.07 -25.78 27.81
CA GLY B 135 10.49 -25.76 28.22
C GLY B 135 10.79 -26.44 29.54
N GLU B 136 12.01 -26.21 30.01
CA GLU B 136 12.45 -26.57 31.37
C GLU B 136 11.52 -26.02 32.44
N ASP B 137 11.35 -24.70 32.40
CA ASP B 137 10.58 -23.94 33.38
C ASP B 137 9.09 -24.31 33.42
N GLY B 138 8.64 -25.13 32.48
CA GLY B 138 7.22 -25.49 32.39
C GLY B 138 6.45 -24.59 31.44
N LEU B 139 7.17 -23.83 30.64
CA LEU B 139 6.55 -22.85 29.77
C LEU B 139 6.97 -23.08 28.31
N VAL B 140 6.11 -22.68 27.37
CA VAL B 140 6.40 -22.81 25.95
C VAL B 140 7.66 -22.05 25.64
N ARG B 141 8.61 -22.72 24.98
CA ARG B 141 9.88 -22.11 24.62
C ARG B 141 9.68 -20.81 23.84
N SER B 142 10.64 -19.89 24.00
CA SER B 142 10.73 -18.71 23.15
C SER B 142 11.10 -19.14 21.73
N GLY B 143 10.83 -18.28 20.76
CA GLY B 143 11.05 -18.60 19.37
C GLY B 143 9.80 -18.29 18.58
N LYS B 144 9.98 -17.86 17.33
CA LYS B 144 8.85 -17.49 16.48
C LYS B 144 7.99 -18.72 16.18
N ALA B 145 8.62 -19.79 15.73
CA ALA B 145 7.88 -21.02 15.46
C ALA B 145 6.96 -21.49 16.63
N GLU B 146 7.43 -21.31 17.86
CA GLU B 146 6.64 -21.67 19.02
C GLU B 146 5.44 -20.75 19.14
N GLY B 147 5.64 -19.47 18.81
CA GLY B 147 4.56 -18.50 18.83
C GLY B 147 3.55 -18.73 17.71
N MET B 148 4.06 -19.21 16.57
CA MET B 148 3.23 -19.52 15.42
C MET B 148 2.34 -20.70 15.73
N ILE B 149 2.92 -21.65 16.45
CA ILE B 149 2.16 -22.81 16.86
C ILE B 149 0.96 -22.34 17.67
N LEU B 150 1.22 -21.58 18.71
CA LEU B 150 0.17 -21.15 19.58
C LEU B 150 -0.89 -20.41 18.76
N ALA B 151 -0.44 -19.62 17.78
CA ALA B 151 -1.38 -18.89 16.96
C ALA B 151 -2.27 -19.89 16.20
N LEU B 152 -1.68 -20.85 15.48
CA LEU B 152 -2.49 -21.87 14.80
C LEU B 152 -3.55 -22.56 15.68
N VAL B 153 -3.23 -22.75 16.95
CA VAL B 153 -4.24 -23.25 17.86
C VAL B 153 -5.39 -22.24 18.00
N PHE B 154 -5.08 -21.00 18.38
CA PHE B 154 -6.10 -19.97 18.43
C PHE B 154 -6.83 -19.88 17.13
N ALA B 155 -6.11 -20.08 16.03
CA ALA B 155 -6.71 -20.00 14.70
C ALA B 155 -7.77 -21.09 14.56
N ALA B 156 -7.35 -22.33 14.81
CA ALA B 156 -8.26 -23.45 14.81
C ALA B 156 -9.49 -23.20 15.68
N LEU B 157 -9.31 -22.60 16.86
CA LEU B 157 -10.41 -22.45 17.83
C LEU B 157 -11.43 -21.42 17.39
N SER B 158 -10.95 -20.42 16.70
CA SER B 158 -11.79 -19.34 16.24
C SER B 158 -12.54 -19.67 14.94
N GLY B 159 -12.33 -20.88 14.42
CA GLY B 159 -13.10 -21.36 13.29
C GLY B 159 -12.73 -20.75 11.96
N ARG B 160 -11.56 -20.13 11.87
CA ARG B 160 -11.16 -19.55 10.59
C ARG B 160 -10.48 -20.59 9.69
N ARG B 161 -10.77 -20.53 8.39
CA ARG B 161 -10.35 -21.53 7.38
C ARG B 161 -8.90 -21.37 6.88
N TYR B 162 -8.33 -20.17 7.03
CA TYR B 162 -7.02 -19.78 6.48
C TYR B 162 -6.19 -18.98 7.47
N VAL B 163 -4.90 -19.26 7.56
CA VAL B 163 -4.04 -18.47 8.42
C VAL B 163 -2.94 -17.87 7.59
N GLY B 164 -2.63 -16.59 7.82
CA GLY B 164 -1.49 -15.95 7.17
C GLY B 164 -0.66 -15.27 8.23
N PHE B 165 0.63 -15.10 7.97
CA PHE B 165 1.55 -14.41 8.87
C PHE B 165 2.14 -13.13 8.25
N ILE B 166 2.39 -12.15 9.11
CA ILE B 166 2.93 -10.85 8.72
C ILE B 166 3.86 -10.44 9.85
N ASP B 167 5.14 -10.28 9.54
CA ASP B 167 6.11 -9.83 10.53
C ASP B 167 5.83 -8.40 10.96
N ALA B 168 5.96 -8.13 12.26
CA ALA B 168 5.62 -6.86 12.84
C ALA B 168 6.71 -5.81 12.58
N ASP B 169 7.81 -6.19 11.92
CA ASP B 169 8.85 -5.19 11.69
C ASP B 169 8.72 -4.39 10.39
N ASN B 170 7.51 -4.40 9.79
CA ASN B 170 7.27 -3.67 8.52
C ASN B 170 7.13 -2.17 8.63
N TYR B 171 7.77 -1.44 7.73
CA TYR B 171 7.66 0.02 7.73
C TYR B 171 6.38 0.51 7.00
N PHE B 172 5.77 -0.34 6.17
CA PHE B 172 4.69 0.10 5.28
C PHE B 172 3.37 -0.65 5.45
N PRO B 173 2.33 0.03 5.96
CA PRO B 173 0.99 -0.56 6.08
C PRO B 173 0.50 -1.09 4.74
N GLY B 174 0.68 -0.29 3.70
CA GLY B 174 0.36 -0.73 2.34
C GLY B 174 1.00 -2.03 1.87
N ALA B 175 2.23 -2.31 2.32
CA ALA B 175 2.90 -3.56 1.97
C ALA B 175 2.15 -4.73 2.64
N VAL B 176 1.81 -4.54 3.91
CA VAL B 176 0.97 -5.44 4.67
C VAL B 176 -0.34 -5.71 3.91
N TRP B 177 -0.92 -4.64 3.39
CA TRP B 177 -2.22 -4.77 2.80
C TRP B 177 -2.10 -5.60 1.54
N GLU B 178 -1.04 -5.36 0.78
CA GLU B 178 -0.79 -6.16 -0.40
C GLU B 178 -0.52 -7.62 -0.02
N TYR B 179 0.26 -7.88 1.04
CA TYR B 179 0.46 -9.26 1.46
C TYR B 179 -0.88 -9.95 1.74
N VAL B 180 -1.70 -9.31 2.56
CA VAL B 180 -2.91 -9.97 2.96
C VAL B 180 -3.80 -10.24 1.75
N ARG B 181 -3.94 -9.26 0.84
CA ARG B 181 -4.75 -9.48 -0.37
C ARG B 181 -4.17 -10.61 -1.26
N ALA B 182 -2.87 -10.60 -1.48
CA ALA B 182 -2.20 -11.70 -2.19
C ALA B 182 -2.46 -13.06 -1.59
N TYR B 183 -2.50 -13.18 -0.26
CA TYR B 183 -2.85 -14.47 0.37
C TYR B 183 -4.21 -14.92 -0.12
N ALA B 184 -5.19 -14.01 -0.08
CA ALA B 184 -6.53 -14.37 -0.52
C ALA B 184 -6.53 -14.69 -2.03
N ALA B 185 -5.75 -13.94 -2.81
CA ALA B 185 -5.59 -14.24 -4.23
C ALA B 185 -5.17 -15.71 -4.47
N GLY B 186 -4.16 -16.17 -3.74
CA GLY B 186 -3.75 -17.56 -3.79
C GLY B 186 -4.88 -18.53 -3.47
N PHE B 187 -5.49 -18.36 -2.30
CA PHE B 187 -6.59 -19.20 -1.91
C PHE B 187 -7.73 -19.23 -2.96
N LEU B 188 -8.01 -18.11 -3.64
CA LEU B 188 -9.00 -18.18 -4.74
C LEU B 188 -8.52 -18.98 -5.95
N MET B 189 -7.28 -18.71 -6.38
CA MET B 189 -6.69 -19.37 -7.53
C MET B 189 -6.57 -20.86 -7.32
N ALA B 190 -6.23 -21.26 -6.10
CA ALA B 190 -6.17 -22.68 -5.77
C ALA B 190 -7.46 -23.42 -6.11
N LYS B 191 -7.33 -24.69 -6.49
CA LYS B 191 -8.45 -25.60 -6.74
C LYS B 191 -8.53 -26.73 -5.71
N THR B 192 -7.90 -26.55 -4.56
CA THR B 192 -7.85 -27.59 -3.52
C THR B 192 -7.97 -26.94 -2.12
N PRO B 193 -8.75 -27.56 -1.23
CA PRO B 193 -8.73 -27.09 0.17
C PRO B 193 -7.32 -26.88 0.76
N PHE B 194 -6.31 -27.63 0.31
CA PHE B 194 -4.96 -27.57 0.90
C PHE B 194 -3.98 -26.74 0.07
N ALA B 195 -3.81 -25.48 0.45
CA ALA B 195 -3.13 -24.49 -0.40
C ALA B 195 -2.21 -23.65 0.44
N MET B 196 -1.13 -23.17 -0.17
CA MET B 196 -0.12 -22.36 0.51
C MET B 196 0.29 -21.22 -0.39
N VAL B 197 0.62 -20.09 0.22
CA VAL B 197 0.97 -18.88 -0.53
C VAL B 197 2.26 -18.32 0.06
N ARG B 198 3.24 -18.10 -0.79
CA ARG B 198 4.53 -17.64 -0.31
C ARG B 198 4.93 -16.36 -1.05
N ILE B 199 5.18 -15.30 -0.27
CA ILE B 199 5.47 -14.00 -0.86
C ILE B 199 6.99 -13.85 -1.08
N LEU B 200 7.38 -13.32 -2.22
CA LEU B 200 8.73 -12.83 -2.30
C LEU B 200 8.81 -11.38 -2.79
N TRP B 201 9.83 -10.65 -2.32
CA TRP B 201 10.11 -9.36 -2.96
C TRP B 201 11.47 -9.26 -3.61
N ARG B 202 11.48 -9.05 -4.94
CA ARG B 202 12.70 -8.67 -5.70
C ARG B 202 12.59 -7.21 -6.13
N ARG B 216 22.39 -7.07 0.25
CA ARG B 216 23.55 -7.30 -0.64
C ARG B 216 24.19 -8.69 -0.44
N ARG B 217 24.38 -9.06 0.83
CA ARG B 217 24.96 -10.37 1.18
C ARG B 217 23.82 -11.37 1.28
N TYR B 218 22.67 -10.85 1.70
CA TYR B 218 21.42 -11.58 1.77
C TYR B 218 20.99 -12.14 0.39
N GLY B 219 21.29 -11.38 -0.66
CA GLY B 219 21.09 -11.78 -2.06
C GLY B 219 21.64 -13.16 -2.40
N ARG B 220 22.97 -13.34 -2.22
CA ARG B 220 23.62 -14.65 -2.42
C ARG B 220 22.98 -15.74 -1.56
N VAL B 221 22.67 -15.41 -0.31
CA VAL B 221 22.18 -16.43 0.62
C VAL B 221 20.85 -17.04 0.14
N SER B 222 19.93 -16.19 -0.31
CA SER B 222 18.64 -16.67 -0.75
C SER B 222 18.80 -17.43 -2.06
N GLU B 223 19.58 -16.87 -2.98
CA GLU B 223 19.87 -17.56 -4.25
C GLU B 223 20.31 -19.00 -3.94
N ARG B 224 21.25 -19.11 -3.00
CA ARG B 224 21.80 -20.39 -2.59
C ARG B 224 20.86 -21.26 -1.76
N ASN B 225 19.94 -20.65 -1.01
CA ASN B 225 18.91 -21.45 -0.31
C ASN B 225 17.88 -22.06 -1.26
N ASN B 226 17.36 -21.24 -2.17
CA ASN B 226 16.43 -21.74 -3.19
C ASN B 226 17.11 -22.83 -4.01
N ARG B 227 18.33 -22.57 -4.47
CA ARG B 227 19.10 -23.61 -5.16
C ARG B 227 19.09 -24.90 -4.38
N ALA B 228 19.15 -24.79 -3.07
CA ALA B 228 19.28 -25.95 -2.22
C ALA B 228 18.02 -26.79 -2.30
N LEU B 229 16.88 -26.15 -2.20
CA LEU B 229 15.60 -26.85 -2.35
C LEU B 229 15.39 -27.44 -3.73
N ASN B 230 15.84 -26.70 -4.75
CA ASN B 230 15.65 -27.12 -6.13
C ASN B 230 16.48 -28.35 -6.45
N GLN B 231 17.65 -28.41 -5.86
CA GLN B 231 18.47 -29.59 -5.93
C GLN B 231 17.79 -30.75 -5.21
N LEU B 232 17.16 -30.49 -4.06
CA LEU B 232 16.44 -31.55 -3.36
C LEU B 232 15.36 -32.08 -4.27
N ILE B 233 14.65 -31.18 -4.91
CA ILE B 233 13.49 -31.60 -5.66
C ILE B 233 13.98 -32.36 -6.86
N GLY B 234 14.91 -31.76 -7.57
CA GLY B 234 15.48 -32.39 -8.75
C GLY B 234 16.11 -33.72 -8.47
N GLY B 235 16.61 -33.89 -7.25
CA GLY B 235 17.21 -35.15 -6.82
C GLY B 235 16.30 -36.36 -6.93
N VAL B 236 15.01 -36.14 -6.69
CA VAL B 236 14.01 -37.20 -6.70
C VAL B 236 13.45 -37.40 -8.10
N SER B 237 13.08 -36.31 -8.76
CA SER B 237 12.46 -36.39 -10.07
C SER B 237 13.44 -36.85 -11.11
N GLY B 238 14.73 -36.58 -10.89
CA GLY B 238 15.76 -36.84 -11.87
C GLY B 238 15.86 -35.86 -13.04
N PHE B 239 15.21 -34.69 -12.92
CA PHE B 239 15.30 -33.58 -13.91
C PHE B 239 15.39 -32.27 -13.16
N GLU B 240 16.22 -31.37 -13.62
CA GLU B 240 16.53 -30.16 -12.87
C GLU B 240 15.31 -29.28 -12.86
N THR B 241 15.19 -28.43 -11.84
CA THR B 241 14.17 -27.40 -11.85
C THR B 241 14.64 -26.01 -11.39
N ASP B 242 13.95 -24.96 -11.84
CA ASP B 242 14.20 -23.60 -11.40
C ASP B 242 13.17 -23.10 -10.39
N VAL B 243 12.15 -23.91 -10.10
CA VAL B 243 10.91 -23.40 -9.49
C VAL B 243 10.90 -22.75 -8.09
N VAL B 244 11.67 -23.27 -7.13
CA VAL B 244 11.64 -22.63 -5.80
C VAL B 244 12.41 -21.32 -5.79
N LYS B 245 11.72 -20.28 -5.34
CA LYS B 245 12.28 -18.93 -5.18
C LYS B 245 11.88 -18.34 -3.84
N THR B 246 11.08 -19.08 -3.07
CA THR B 246 10.59 -18.68 -1.74
C THR B 246 11.06 -19.60 -0.59
N ALA B 247 12.32 -20.04 -0.65
CA ALA B 247 12.91 -20.94 0.32
C ALA B 247 12.74 -20.35 1.73
N ASN B 248 13.01 -19.06 1.85
CA ASN B 248 12.57 -18.30 3.02
C ASN B 248 11.37 -17.41 2.61
N ALA B 249 10.43 -17.23 3.53
CA ALA B 249 9.23 -16.44 3.27
C ALA B 249 8.55 -16.11 4.60
N GLY B 250 9.04 -15.07 5.26
CA GLY B 250 8.44 -14.64 6.53
C GLY B 250 6.94 -14.52 6.35
N GLU B 251 6.60 -13.83 5.28
CA GLU B 251 5.25 -13.54 4.93
C GLU B 251 4.71 -14.69 4.09
N HIS B 252 4.06 -15.64 4.75
CA HIS B 252 3.35 -16.68 4.02
C HIS B 252 2.08 -17.13 4.69
N ALA B 253 1.15 -17.61 3.90
CA ALA B 253 -0.11 -18.08 4.45
C ALA B 253 -0.39 -19.52 4.06
N MET B 254 -1.27 -20.18 4.80
CA MET B 254 -1.78 -21.48 4.39
C MET B 254 -3.14 -21.87 4.93
N SER B 255 -3.85 -22.66 4.15
CA SER B 255 -5.14 -23.17 4.59
C SER B 255 -4.90 -23.93 5.90
N LEU B 256 -5.85 -23.82 6.84
CA LEU B 256 -5.60 -24.31 8.17
C LEU B 256 -5.50 -25.82 8.13
N GLY B 257 -6.36 -26.43 7.32
CA GLY B 257 -6.28 -27.87 7.05
C GLY B 257 -4.93 -28.40 6.63
N LEU B 258 -4.12 -27.56 6.00
CA LEU B 258 -2.77 -27.96 5.61
C LEU B 258 -1.77 -27.68 6.71
N ALA B 259 -2.04 -26.67 7.51
CA ALA B 259 -1.08 -26.29 8.53
C ALA B 259 -1.13 -27.29 9.70
N LEU B 260 -2.32 -27.76 10.03
CA LEU B 260 -2.44 -28.74 11.10
C LEU B 260 -1.85 -30.08 10.67
N ARG B 261 -1.71 -30.25 9.35
CA ARG B 261 -1.14 -31.47 8.78
C ARG B 261 0.40 -31.50 8.72
N LEU B 262 1.02 -30.32 8.63
CA LEU B 262 2.49 -30.18 8.60
C LEU B 262 3.20 -30.18 9.97
N PRO B 263 4.33 -30.92 10.07
CA PRO B 263 5.30 -30.71 11.17
C PRO B 263 6.01 -29.36 11.04
N LEU B 264 6.45 -28.79 12.15
CA LEU B 264 7.14 -27.49 12.13
C LEU B 264 8.53 -27.49 12.76
N ALA B 265 9.44 -26.75 12.13
CA ALA B 265 10.83 -26.64 12.57
C ALA B 265 11.05 -25.38 13.42
N SER B 266 12.12 -25.34 14.20
CA SER B 266 12.30 -24.29 15.19
C SER B 266 12.96 -23.01 14.70
N GLY B 267 14.05 -23.09 13.96
CA GLY B 267 14.84 -21.86 13.75
C GLY B 267 14.32 -20.95 12.65
N TYR B 268 15.26 -20.45 11.84
CA TYR B 268 14.99 -19.94 10.51
C TYR B 268 14.59 -21.10 9.62
N ALA B 269 14.78 -22.31 10.16
CA ALA B 269 14.47 -23.57 9.51
C ALA B 269 12.99 -23.70 9.19
N VAL B 270 12.17 -23.04 9.99
CA VAL B 270 10.71 -23.13 9.85
C VAL B 270 10.18 -23.06 8.41
N GLU B 271 10.53 -22.03 7.63
CA GLU B 271 9.91 -21.92 6.30
C GLU B 271 10.36 -22.99 5.30
N PRO B 272 11.70 -23.21 5.16
CA PRO B 272 12.17 -24.18 4.15
C PRO B 272 11.63 -25.57 4.44
N GLN B 273 11.65 -25.92 5.73
CA GLN B 273 11.19 -27.22 6.17
C GLN B 273 9.78 -27.49 5.70
N GLU B 274 8.92 -26.49 5.80
CA GLU B 274 7.56 -26.58 5.27
C GLU B 274 7.56 -27.22 3.88
N LEU B 275 8.38 -26.70 2.97
CA LEU B 275 8.49 -27.27 1.63
C LEU B 275 9.13 -28.66 1.65
N VAL B 276 10.18 -28.84 2.47
CA VAL B 276 10.84 -30.15 2.54
C VAL B 276 9.83 -31.19 3.00
N SER B 277 9.01 -30.79 3.97
CA SER B 277 7.94 -31.62 4.54
C SER B 277 6.82 -31.92 3.55
N LEU B 278 6.53 -30.95 2.68
CA LEU B 278 5.48 -31.19 1.70
C LEU B 278 5.91 -32.27 0.73
N LEU B 279 7.19 -32.27 0.38
CA LEU B 279 7.76 -33.31 -0.48
C LEU B 279 7.73 -34.68 0.20
N GLU B 280 8.25 -34.73 1.42
CA GLU B 280 8.38 -35.96 2.17
C GLU B 280 7.03 -36.63 2.31
N LEU B 281 6.00 -35.82 2.56
CA LEU B 281 4.68 -36.36 2.87
C LEU B 281 3.86 -36.63 1.64
N TYR B 282 3.92 -35.74 0.68
CA TYR B 282 2.94 -35.81 -0.41
C TYR B 282 3.53 -35.97 -1.80
N GLY B 283 4.85 -36.19 -1.86
CA GLY B 283 5.58 -36.42 -3.13
C GLY B 283 5.46 -37.87 -3.56
N GLY B 284 4.96 -38.73 -2.68
CA GLY B 284 4.61 -40.07 -3.12
C GLY B 284 5.78 -40.94 -3.49
N VAL B 285 6.94 -40.62 -2.90
CA VAL B 285 8.03 -41.57 -2.80
C VAL B 285 7.66 -42.53 -1.68
N PHE B 286 7.33 -41.96 -0.54
CA PHE B 286 6.75 -42.72 0.54
C PHE B 286 5.26 -42.87 0.29
N PRO B 287 4.62 -43.86 0.94
CA PRO B 287 3.21 -44.11 0.69
C PRO B 287 2.41 -43.03 1.34
N LEU B 288 1.37 -42.60 0.65
CA LEU B 288 0.58 -41.44 1.05
C LEU B 288 -0.73 -41.87 1.72
N GLU B 289 -0.82 -41.61 3.02
CA GLU B 289 -1.97 -42.05 3.80
C GLU B 289 -2.67 -40.81 4.38
N ASP B 290 -3.56 -40.23 3.61
CA ASP B 290 -4.36 -39.12 4.05
C ASP B 290 -5.39 -39.02 2.98
N GLU B 291 -6.48 -39.75 3.16
CA GLU B 291 -7.55 -39.79 2.17
C GLU B 291 -7.72 -38.46 1.41
N GLU B 292 -7.80 -37.37 2.16
CA GLU B 292 -8.24 -36.11 1.61
C GLU B 292 -7.15 -35.45 0.79
N VAL B 293 -5.93 -35.47 1.29
CA VAL B 293 -4.83 -34.86 0.57
C VAL B 293 -4.50 -35.66 -0.69
N LEU B 294 -4.71 -36.97 -0.65
CA LEU B 294 -4.54 -37.85 -1.82
C LEU B 294 -5.58 -37.59 -2.92
N GLN B 295 -6.76 -37.12 -2.52
CA GLN B 295 -7.83 -36.88 -3.46
C GLN B 295 -7.72 -35.47 -3.97
N HIS B 296 -7.45 -34.54 -3.08
CA HIS B 296 -7.42 -33.11 -3.41
C HIS B 296 -6.11 -32.54 -3.86
N GLY B 297 -4.99 -33.01 -3.29
CA GLY B 297 -3.63 -32.51 -3.57
C GLY B 297 -3.30 -31.16 -2.98
N VAL B 298 -2.04 -30.75 -3.06
CA VAL B 298 -1.56 -29.48 -2.49
C VAL B 298 -1.04 -28.50 -3.56
N GLU B 299 -1.60 -27.28 -3.59
CA GLU B 299 -1.04 -26.19 -4.43
C GLU B 299 -0.23 -25.20 -3.60
N ILE B 300 0.97 -24.87 -4.08
CA ILE B 300 1.87 -23.85 -3.48
C ILE B 300 2.06 -22.65 -4.41
N PHE B 301 1.69 -21.47 -3.97
CA PHE B 301 1.84 -20.28 -4.80
C PHE B 301 3.00 -19.44 -4.35
N GLN B 302 3.75 -18.94 -5.31
CA GLN B 302 4.79 -17.97 -5.01
C GLN B 302 4.41 -16.65 -5.66
N ILE B 303 4.04 -15.67 -4.84
CA ILE B 303 3.60 -14.39 -5.41
C ILE B 303 4.60 -13.27 -5.23
N GLU B 304 4.93 -12.57 -6.32
CA GLU B 304 5.87 -11.44 -6.29
C GLU B 304 5.14 -10.14 -6.20
N THR B 305 5.51 -9.41 -5.19
CA THR B 305 4.85 -8.25 -4.71
C THR B 305 5.35 -6.96 -5.40
N ARG B 306 4.47 -5.98 -5.54
CA ARG B 306 4.83 -4.70 -6.11
C ARG B 306 5.56 -3.77 -5.15
N ASN B 307 5.25 -3.87 -3.86
CA ASN B 307 5.82 -2.99 -2.85
C ASN B 307 7.14 -3.49 -2.35
N PRO B 308 8.17 -2.63 -2.40
CA PRO B 308 9.43 -2.99 -1.78
C PRO B 308 9.16 -3.43 -0.36
N ALA B 309 9.91 -4.42 0.08
CA ALA B 309 9.94 -4.76 1.50
C ALA B 309 10.89 -3.80 2.21
N LEU B 310 10.43 -3.25 3.31
CA LEU B 310 11.27 -2.42 4.16
C LEU B 310 10.95 -2.68 5.61
N HIS B 311 11.85 -3.39 6.25
CA HIS B 311 11.66 -3.74 7.63
C HIS B 311 12.64 -2.94 8.46
N GLU B 312 12.54 -3.10 9.76
CA GLU B 312 13.58 -2.63 10.66
C GLU B 312 14.43 -3.78 11.20
N ASN B 313 15.75 -3.62 11.05
CA ASN B 313 16.74 -4.57 11.62
C ASN B 313 17.94 -3.92 12.34
N LYS B 314 18.53 -4.65 13.29
CA LYS B 314 19.83 -4.26 13.94
C LYS B 314 20.78 -5.45 14.20
N GLY B 315 22.08 -5.26 13.94
CA GLY B 315 23.10 -6.31 14.08
C GLY B 315 22.76 -7.53 13.23
N ASP B 316 22.99 -7.40 11.91
CA ASP B 316 22.44 -8.33 10.92
C ASP B 316 23.25 -9.61 10.65
N GLU B 317 24.03 -10.05 11.64
CA GLU B 317 24.89 -11.25 11.58
C GLU B 317 24.18 -12.51 11.00
N HIS B 318 22.85 -12.56 11.23
CA HIS B 318 21.99 -13.76 11.01
C HIS B 318 21.95 -14.36 9.61
N ILE B 319 22.35 -13.58 8.60
CA ILE B 319 22.45 -14.06 7.22
C ILE B 319 23.15 -15.42 7.11
N ARG B 320 24.25 -15.57 7.85
CA ARG B 320 24.97 -16.83 7.90
C ARG B 320 24.09 -17.94 8.50
N ASP B 321 23.42 -17.62 9.60
CA ASP B 321 22.59 -18.57 10.32
C ASP B 321 21.39 -18.95 9.47
N MET B 322 21.03 -18.07 8.54
CA MET B 322 19.95 -18.37 7.62
C MET B 322 20.42 -19.48 6.70
N LEU B 323 21.63 -19.33 6.18
CA LEU B 323 22.12 -20.27 5.23
C LEU B 323 22.17 -21.65 5.89
N LEU B 324 22.82 -21.71 7.05
CA LEU B 324 23.04 -22.98 7.76
C LEU B 324 21.74 -23.67 8.11
N ALA B 325 20.72 -22.89 8.39
CA ALA B 325 19.46 -23.45 8.80
C ALA B 325 18.88 -24.18 7.61
N CYS B 326 18.75 -23.46 6.51
CA CYS B 326 18.09 -23.97 5.31
C CYS B 326 18.85 -25.17 4.69
N LEU B 327 20.14 -25.02 4.49
CA LEU B 327 20.87 -26.11 3.90
C LEU B 327 20.87 -27.35 4.79
N ALA B 328 20.69 -27.16 6.09
CA ALA B 328 20.59 -28.29 7.03
C ALA B 328 19.31 -29.06 6.83
N THR B 329 18.23 -28.32 6.59
CA THR B 329 16.91 -28.88 6.31
C THR B 329 17.01 -29.91 5.20
N VAL B 330 17.60 -29.47 4.09
CA VAL B 330 17.78 -30.31 2.92
C VAL B 330 18.67 -31.52 3.22
N TYR B 331 19.85 -31.28 3.79
CA TYR B 331 20.80 -32.35 4.08
C TYR B 331 20.11 -33.51 4.77
N HIS B 332 19.32 -33.18 5.78
CA HIS B 332 18.69 -34.17 6.61
C HIS B 332 17.34 -34.64 6.08
N SER B 333 17.02 -34.34 4.84
CA SER B 333 15.77 -34.86 4.31
C SER B 333 15.86 -36.36 4.04
N LYS B 334 14.74 -37.04 4.25
CA LYS B 334 14.68 -38.46 3.92
C LYS B 334 14.82 -38.66 2.41
N LEU B 335 14.69 -37.58 1.65
CA LEU B 335 14.73 -37.64 0.19
C LEU B 335 16.02 -37.14 -0.47
N ALA B 336 16.91 -36.58 0.35
CA ALA B 336 18.21 -36.11 -0.13
C ALA B 336 19.02 -37.27 -0.69
N THR B 337 19.64 -37.05 -1.84
CA THR B 337 20.47 -38.07 -2.45
C THR B 337 21.89 -37.77 -2.06
N GLU B 338 22.79 -38.74 -2.21
CA GLU B 338 24.18 -38.48 -1.87
C GLU B 338 24.68 -37.17 -2.47
N GLU B 339 24.35 -36.94 -3.74
CA GLU B 339 24.86 -35.80 -4.51
C GLU B 339 24.46 -34.47 -3.87
N VAL B 340 23.17 -34.36 -3.50
CA VAL B 340 22.61 -33.17 -2.89
C VAL B 340 23.27 -32.94 -1.55
N ARG B 341 23.28 -33.99 -0.74
CA ARG B 341 23.90 -33.97 0.55
C ARG B 341 25.29 -33.42 0.42
N GLN B 342 26.08 -33.99 -0.49
CA GLN B 342 27.45 -33.54 -0.71
C GLN B 342 27.50 -32.08 -1.16
N SER B 343 26.75 -31.76 -2.21
CA SER B 343 26.69 -30.40 -2.68
C SER B 343 26.49 -29.45 -1.53
N VAL B 344 25.52 -29.77 -0.68
CA VAL B 344 25.15 -28.98 0.49
C VAL B 344 26.34 -28.80 1.46
N LEU B 345 27.03 -29.89 1.75
CA LEU B 345 28.21 -29.84 2.62
C LEU B 345 29.31 -28.92 2.09
N GLU B 346 29.64 -29.08 0.81
CA GLU B 346 30.68 -28.28 0.17
C GLU B 346 30.43 -26.80 0.38
N GLU B 347 29.18 -26.42 0.16
CA GLU B 347 28.77 -25.04 0.26
C GLU B 347 28.91 -24.49 1.68
N LEU B 348 28.24 -25.12 2.65
CA LEU B 348 28.37 -24.77 4.07
C LEU B 348 29.83 -24.71 4.56
N GLN B 349 30.58 -25.76 4.25
CA GLN B 349 31.99 -25.83 4.58
C GLN B 349 32.76 -24.63 4.07
N ALA B 350 32.39 -24.11 2.91
CA ALA B 350 33.01 -22.89 2.41
C ALA B 350 32.36 -21.61 3.01
N ALA B 351 32.03 -21.64 4.30
CA ALA B 351 31.60 -20.45 5.05
C ALA B 351 31.86 -20.59 6.55
N GLU B 358 33.33 -29.25 9.33
CA GLU B 358 33.28 -30.62 8.77
C GLU B 358 32.25 -31.48 9.53
N GLU B 359 30.99 -31.02 9.60
CA GLU B 359 30.06 -31.49 10.63
C GLU B 359 28.73 -30.69 10.67
N PRO B 360 27.57 -31.34 10.41
CA PRO B 360 26.23 -30.62 10.19
C PRO B 360 24.97 -30.95 11.09
N PRO B 361 24.30 -29.95 11.69
CA PRO B 361 23.26 -30.27 12.72
C PRO B 361 21.80 -30.43 12.24
N PRO B 362 21.10 -31.52 12.69
CA PRO B 362 19.73 -31.85 12.29
C PRO B 362 18.73 -30.95 13.00
N PRO B 363 17.62 -30.58 12.33
CA PRO B 363 16.74 -29.59 12.95
C PRO B 363 15.89 -30.17 14.09
N VAL B 364 15.32 -29.28 14.91
CA VAL B 364 14.37 -29.68 15.96
C VAL B 364 12.99 -29.56 15.35
N LEU B 365 12.27 -30.68 15.27
CA LEU B 365 11.00 -30.77 14.52
C LEU B 365 9.80 -31.18 15.36
N TYR B 366 8.88 -30.25 15.51
CA TYR B 366 7.66 -30.47 16.28
C TYR B 366 6.65 -31.29 15.45
N PRO B 367 5.91 -32.24 16.09
CA PRO B 367 4.97 -33.05 15.32
C PRO B 367 3.78 -32.20 14.85
N PRO B 368 3.09 -32.62 13.76
CA PRO B 368 1.92 -31.90 13.28
C PRO B 368 0.89 -31.55 14.39
N LEU B 369 0.20 -30.42 14.25
CA LEU B 369 -0.77 -30.00 15.26
C LEU B 369 -2.07 -30.76 15.15
N SER B 370 -2.20 -31.58 14.10
CA SER B 370 -3.38 -32.42 13.90
C SER B 370 -3.60 -33.35 15.06
N SER B 371 -2.52 -33.78 15.69
CA SER B 371 -2.56 -34.70 16.84
C SER B 371 -3.20 -34.10 18.11
N LEU B 372 -3.29 -32.78 18.17
CA LEU B 372 -3.68 -32.03 19.40
C LEU B 372 -5.17 -32.04 19.65
N ASP B 373 -5.57 -32.39 20.87
CA ASP B 373 -6.99 -32.44 21.16
C ASP B 373 -7.57 -31.08 21.56
N LEU B 374 -8.29 -30.48 20.61
CA LEU B 374 -8.88 -29.17 20.82
C LEU B 374 -9.99 -29.17 21.87
N GLN B 375 -10.63 -30.32 22.06
CA GLN B 375 -11.71 -30.44 23.02
C GLN B 375 -11.16 -30.19 24.40
N ALA B 376 -10.08 -30.92 24.70
CA ALA B 376 -9.27 -30.71 25.89
C ALA B 376 -8.79 -29.24 26.01
N VAL B 377 -8.21 -28.70 24.95
CA VAL B 377 -7.72 -27.33 25.02
C VAL B 377 -8.89 -26.38 25.33
N ARG B 378 -10.05 -26.65 24.75
CA ARG B 378 -11.22 -25.82 24.94
C ARG B 378 -11.63 -25.88 26.42
N LYS B 379 -11.79 -27.08 26.93
CA LYS B 379 -12.06 -27.29 28.35
C LYS B 379 -11.03 -26.52 29.20
N ALA B 380 -9.75 -26.78 28.95
CA ALA B 380 -8.66 -26.26 29.78
C ALA B 380 -8.52 -24.75 29.70
N LEU B 381 -9.06 -24.14 28.66
CA LEU B 381 -8.99 -22.67 28.57
C LEU B 381 -10.28 -21.91 28.96
N ARG B 382 -11.15 -22.55 29.75
CA ARG B 382 -12.47 -21.99 30.09
C ARG B 382 -12.46 -20.54 30.58
N GLY B 383 -12.13 -20.36 31.87
CA GLY B 383 -12.11 -19.02 32.49
C GLY B 383 -11.15 -17.99 31.88
N HIS B 384 -10.38 -18.42 30.88
CA HIS B 384 -9.30 -17.62 30.36
C HIS B 384 -9.64 -16.93 29.02
N PHE B 385 -10.42 -17.57 28.17
CA PHE B 385 -10.68 -17.04 26.81
C PHE B 385 -11.04 -15.53 26.89
N SER B 386 -11.83 -15.18 27.90
CA SER B 386 -12.13 -13.81 28.28
C SER B 386 -10.98 -12.79 28.14
N ARG B 387 -9.74 -13.23 28.35
CA ARG B 387 -8.57 -12.34 28.41
C ARG B 387 -7.64 -12.49 27.21
N PHE B 388 -7.94 -13.46 26.36
CA PHE B 388 -7.31 -13.53 25.05
C PHE B 388 -8.06 -12.67 24.03
N ARG B 389 -9.33 -12.38 24.34
CA ARG B 389 -10.22 -11.73 23.40
C ARG B 389 -10.28 -10.25 23.74
N VAL B 390 -9.96 -9.39 22.77
CA VAL B 390 -10.26 -7.96 22.95
C VAL B 390 -11.57 -7.50 22.29
N PRO B 391 -12.49 -7.02 23.15
CA PRO B 391 -13.66 -6.23 22.77
C PRO B 391 -13.28 -5.04 21.87
N2 GDD C . 3.81 17.07 -17.46
C2 GDD C . 5.03 17.57 -16.77
N1 GDD C . 5.71 18.66 -17.22
N3 GDD C . 5.46 16.87 -15.69
C4 GDD C . 6.59 17.28 -15.03
C5 GDD C . 7.30 18.39 -15.47
C6 GDD C . 6.84 19.09 -16.59
O6 GDD C . 7.50 20.19 -17.04
N7 GDD C . 8.35 18.55 -14.64
C8 GDD C . 8.29 17.57 -13.71
N9 GDD C . 7.23 16.80 -13.96
C1' GDD C . 6.78 15.60 -13.23
C2' GDD C . 7.97 14.80 -12.70
O2' GDD C . 8.35 13.71 -13.57
C3' GDD C . 7.47 14.36 -11.36
O3' GDD C . 6.64 13.22 -11.56
C4' GDD C . 6.58 15.53 -10.94
O4' GDD C . 5.95 15.98 -12.13
C5' GDD C . 7.39 16.69 -10.40
O5' GDD C . 8.05 16.16 -9.28
PA GDD C . 9.52 16.67 -8.99
O1A GDD C . 10.27 15.55 -8.25
O2A GDD C . 9.97 17.28 -10.27
O3A GDD C . 9.13 17.89 -8.02
PB GDD C . 9.55 17.81 -6.47
O2B GDD C . 9.46 16.34 -6.05
O3B GDD C . 10.83 18.65 -6.26
O1B GDD C . 8.31 18.54 -5.76
C11 GDD C . 7.10 17.82 -5.83
O51 GDD C . 6.56 17.54 -4.53
C51 GDD C . 6.21 18.68 -3.74
C61 GDD C . 5.57 18.21 -2.43
O6A GDD C . 4.93 16.94 -2.65
C21 GDD C . 6.12 18.60 -6.67
O21 GDD C . 5.01 17.72 -6.81
C31 GDD C . 5.65 19.85 -5.94
O31 GDD C . 4.55 20.39 -6.68
C41 GDD C . 5.22 19.55 -4.50
O41 GDD C . 5.05 20.75 -3.73
MG MG D . 9.77 14.52 -6.60
ZN ZN E . -7.94 21.28 16.67
N2 GDD F . 5.93 -14.78 19.19
C2 GDD F . 7.36 -14.54 18.92
N1 GDD F . 8.33 -15.18 19.65
N3 GDD F . 7.65 -13.66 17.95
C4 GDD F . 8.95 -13.41 17.65
C5 GDD F . 9.96 -14.05 18.35
C6 GDD F . 9.63 -14.95 19.37
O6 GDD F . 10.60 -15.60 20.07
N7 GDD F . 11.12 -13.58 17.85
C8 GDD F . 10.83 -12.70 16.87
N9 GDD F . 9.50 -12.62 16.75
C1' GDD F . 8.70 -11.75 15.87
C2' GDD F . 9.48 -10.47 15.55
O2' GDD F . 9.17 -9.35 16.39
C3' GDD F . 9.07 -10.21 14.13
O3' GDD F . 7.78 -9.54 14.13
C4' GDD F . 8.98 -11.64 13.61
O4' GDD F . 8.42 -12.41 14.66
C5' GDD F . 10.38 -12.18 13.41
O5' GDD F . 11.05 -11.16 12.70
PA GDD F . 12.62 -10.95 12.89
O1A GDD F . 12.93 -9.61 12.22
O2A GDD F . 12.97 -11.34 14.29
O3A GDD F . 13.22 -12.13 12.03
PB GDD F . 14.10 -11.72 10.76
O2B GDD F . 13.68 -10.34 10.33
O3B GDD F . 15.54 -12.07 11.05
O1B GDD F . 13.64 -12.80 9.67
C11 GDD F . 12.28 -12.82 9.27
O51 GDD F . 12.17 -12.82 7.84
C51 GDD F . 12.73 -13.94 7.14
C61 GDD F . 12.31 -13.87 5.68
O6A GDD F . 11.19 -12.98 5.58
C21 GDD F . 11.68 -14.07 9.86
O21 GDD F . 10.27 -14.02 9.70
C31 GDD F . 12.19 -15.36 9.24
O31 GDD F . 11.22 -16.39 9.53
C41 GDD F . 12.29 -15.30 7.72
O41 GDD F . 13.21 -16.32 7.33
MG MG G . 12.44 -8.91 10.42
ZN ZN H . 10.79 -21.27 -14.10
ZN ZN I . -12.37 -34.38 0.04
#